data_4P8H
#
_entry.id   4P8H
#
_cell.length_a   72.045
_cell.length_b   77.297
_cell.length_c   81.209
_cell.angle_alpha   90.00
_cell.angle_beta   100.31
_cell.angle_gamma   90.00
#
_symmetry.space_group_name_H-M   'P 1 21 1'
#
loop_
_entity.id
_entity.type
_entity.pdbx_description
1 polymer 'Probable decaprenylphosphoryl-beta-D-ribose oxidase'
2 non-polymer 'FLAVIN-ADENINE DINUCLEOTIDE'
3 non-polymer {(4S)-2-[7-(hydroxyamino)-6-methyl-5-(trifluoromethyl)-1,3-benzothiazol-2-yl]-4,5-dihydro-1,3-oxazol-4-yl}(pyrrolidin-1-yl)methanone
4 water water
#
_entity_poly.entity_id   1
_entity_poly.type   'polypeptide(L)'
_entity_poly.pdbx_seq_one_letter_code
;MGSSHHHHHHSSGLVPRGSHMLSVGATTTATRLTGWGRTAPSVANVLRTPDAEMIVKAVARVAESGGGRGAIARGLGRSY
GDNAQNGGGLVIDMTPLNTIHSIDADTKLVDIDAGVNLDQLMKAALPFGLWVPVLPGTRQVTVGGAIACDIHGKNHHSAG
SFGNHVRSMDLLTADGEIRHLTPTGEDAELFWATVGGNGLTGIIMRATIEMTPTSTAYFIADGDVTASLDETIALHSDGS
EARYTYSSAWFDAISAPPKLGRAAVSRGRLATVEQLPAKLRSEPLKFDAPQLLTLPDVFPNGLANKYTFGPIGELWYRKS
GTYRGKVQNLTQFYHPLDMFGEWNRAYGPAGFLQYQFVIPTEAVDEFKKIIGVIQASGHYSFLNVFKLFGPRNQAPLSFP
IPGWNICVDFPIKDGLGKFVSELDRRVLEFGGRLYTAKDSRTTAETFHAMYPRVDEWISVRRKVDPLRVFASDMARRLEL
L
;
_entity_poly.pdbx_strand_id   A,B
#
loop_
_chem_comp.id
_chem_comp.type
_chem_comp.name
_chem_comp.formula
FAD non-polymer 'FLAVIN-ADENINE DINUCLEOTIDE' 'C27 H33 N9 O15 P2'
O95 non-polymer {(4S)-2-[7-(hydroxyamino)-6-methyl-5-(trifluoromethyl)-1,3-benzothiazol-2-yl]-4,5-dihydro-1,3-oxazol-4-yl}(pyrrolidin-1-yl)methanone 'C17 H17 F3 N4 O3 S'
#
# COMPACT_ATOMS: atom_id res chain seq x y z
N THR A 28 -18.07 22.46 15.61
CA THR A 28 -19.17 21.73 14.90
C THR A 28 -20.00 22.68 14.05
N THR A 29 -20.44 22.20 12.89
CA THR A 29 -21.31 22.96 12.01
C THR A 29 -22.70 22.31 11.95
N ALA A 30 -23.71 23.07 12.32
CA ALA A 30 -25.10 22.58 12.33
C ALA A 30 -25.59 22.35 10.91
N THR A 31 -25.67 21.07 10.53
CA THR A 31 -26.05 20.69 9.16
C THR A 31 -27.17 19.65 9.17
N ARG A 32 -28.20 19.91 8.38
CA ARG A 32 -29.25 18.93 8.11
C ARG A 32 -28.70 17.86 7.16
N LEU A 33 -28.87 16.60 7.55
CA LEU A 33 -28.29 15.49 6.79
C LEU A 33 -29.35 14.55 6.25
N THR A 34 -29.11 14.04 5.05
CA THR A 34 -29.99 13.09 4.40
C THR A 34 -29.24 11.78 4.12
N GLY A 35 -29.98 10.74 3.73
CA GLY A 35 -29.38 9.50 3.27
C GLY A 35 -28.75 9.68 1.90
N TRP A 36 -28.27 8.58 1.31
CA TRP A 36 -27.67 8.62 -0.03
C TRP A 36 -28.70 8.97 -1.07
N GLY A 37 -29.96 8.57 -0.82
CA GLY A 37 -31.07 8.86 -1.73
C GLY A 37 -31.77 10.19 -1.47
N ARG A 38 -31.07 11.12 -0.83
CA ARG A 38 -31.57 12.48 -0.55
C ARG A 38 -32.93 12.51 0.18
N THR A 39 -33.07 11.71 1.22
CA THR A 39 -34.36 11.55 1.92
C THR A 39 -34.29 11.76 3.44
N ALA A 40 -35.42 12.19 4.00
CA ALA A 40 -35.60 12.42 5.45
C ALA A 40 -34.47 13.22 6.11
N PRO A 41 -34.46 14.55 5.90
CA PRO A 41 -33.42 15.41 6.47
C PRO A 41 -33.48 15.51 7.99
N SER A 42 -32.31 15.48 8.63
CA SER A 42 -32.21 15.58 10.08
C SER A 42 -31.17 16.62 10.47
N VAL A 43 -31.65 17.76 10.97
CA VAL A 43 -30.77 18.86 11.36
C VAL A 43 -30.05 18.59 12.68
N ALA A 44 -28.73 18.57 12.64
CA ALA A 44 -27.89 18.29 13.81
C ALA A 44 -26.48 18.86 13.62
N ASN A 45 -25.62 18.63 14.60
CA ASN A 45 -24.24 19.10 14.55
C ASN A 45 -23.29 18.03 14.01
N VAL A 46 -22.41 18.43 13.09
CA VAL A 46 -21.41 17.54 12.54
C VAL A 46 -20.06 17.77 13.24
N LEU A 47 -19.61 16.75 13.96
CA LEU A 47 -18.31 16.80 14.63
C LEU A 47 -17.22 16.14 13.75
N ARG A 48 -16.55 16.98 12.97
CA ARG A 48 -15.45 16.53 12.12
C ARG A 48 -14.11 16.79 12.78
N THR A 49 -13.45 15.72 13.24
CA THR A 49 -12.12 15.84 13.86
C THR A 49 -11.28 14.56 13.70
N PRO A 50 -10.01 14.74 13.29
CA PRO A 50 -9.06 13.63 13.26
C PRO A 50 -8.59 13.23 14.65
N ASP A 51 -8.69 14.17 15.59
CA ASP A 51 -8.32 13.94 16.98
C ASP A 51 -9.20 12.87 17.62
N ALA A 52 -8.57 11.87 18.21
CA ALA A 52 -9.27 10.75 18.81
C ALA A 52 -9.91 11.11 20.15
N GLU A 53 -9.19 11.86 20.97
CA GLU A 53 -9.64 12.22 22.31
C GLU A 53 -10.67 13.35 22.34
N MET A 54 -10.73 14.14 21.27
CA MET A 54 -11.76 15.17 21.14
C MET A 54 -13.12 14.52 20.89
N ILE A 55 -13.10 13.38 20.19
CA ILE A 55 -14.30 12.57 20.00
C ILE A 55 -14.74 11.97 21.34
N VAL A 56 -13.78 11.37 22.06
CA VAL A 56 -14.04 10.72 23.35
C VAL A 56 -14.69 11.69 24.35
N LYS A 57 -14.17 12.91 24.42
CA LYS A 57 -14.74 13.90 25.32
C LYS A 57 -16.17 14.26 24.94
N ALA A 58 -16.37 14.64 23.68
CA ALA A 58 -17.70 14.97 23.17
C ALA A 58 -18.77 14.00 23.66
N VAL A 59 -18.48 12.70 23.55
CA VAL A 59 -19.40 11.64 23.99
C VAL A 59 -19.64 11.68 25.50
N ALA A 60 -18.55 11.69 26.27
CA ALA A 60 -18.62 11.72 27.73
C ALA A 60 -19.26 13.02 28.20
N ARG A 61 -18.88 14.13 27.56
CA ARG A 61 -19.43 15.44 27.90
C ARG A 61 -20.89 15.54 27.45
N VAL A 62 -21.32 14.63 26.58
CA VAL A 62 -22.74 14.48 26.23
C VAL A 62 -23.46 13.56 27.22
N ALA A 63 -22.81 12.45 27.61
CA ALA A 63 -23.39 11.45 28.51
C ALA A 63 -23.78 12.01 29.88
N GLU A 64 -23.00 12.96 30.37
CA GLU A 64 -23.27 13.65 31.63
C GLU A 64 -24.67 14.24 31.64
N SER A 65 -24.97 15.03 30.61
CA SER A 65 -26.22 15.75 30.49
C SER A 65 -27.35 14.74 30.41
N GLY A 66 -27.04 13.59 29.84
CA GLY A 66 -28.01 12.52 29.66
C GLY A 66 -28.30 12.36 28.20
N GLY A 67 -28.76 11.16 27.82
CA GLY A 67 -29.26 10.98 26.46
C GLY A 67 -30.23 12.11 26.25
N GLY A 68 -29.81 13.09 25.44
CA GLY A 68 -30.69 14.17 25.04
C GLY A 68 -31.25 13.72 23.72
N ARG A 69 -30.69 14.26 22.66
CA ARG A 69 -30.87 13.69 21.34
C ARG A 69 -29.90 12.52 21.18
N GLY A 70 -28.83 12.56 21.97
CA GLY A 70 -27.79 11.55 21.91
C GLY A 70 -26.90 11.80 20.72
N ALA A 71 -26.08 10.79 20.39
CA ALA A 71 -25.15 10.91 19.28
C ALA A 71 -25.15 9.66 18.40
N ILE A 72 -24.77 9.85 17.14
CA ILE A 72 -24.61 8.74 16.21
C ILE A 72 -23.38 8.96 15.33
N ALA A 73 -22.64 7.88 15.11
CA ALA A 73 -21.49 7.90 14.20
C ALA A 73 -21.98 7.92 12.76
N ARG A 74 -21.22 8.57 11.90
CA ARG A 74 -21.54 8.63 10.47
C ARG A 74 -20.28 8.43 9.64
N GLY A 75 -20.37 7.51 8.67
CA GLY A 75 -19.28 7.27 7.73
C GLY A 75 -19.42 8.17 6.52
N LEU A 76 -19.32 7.56 5.34
CA LEU A 76 -19.44 8.29 4.08
C LEU A 76 -20.89 8.47 3.65
N GLY A 77 -21.81 8.08 4.52
CA GLY A 77 -23.25 8.27 4.31
C GLY A 77 -23.78 7.56 3.08
N ARG A 78 -23.40 6.30 2.92
CA ARG A 78 -23.79 5.53 1.74
C ARG A 78 -25.05 4.69 1.94
N SER A 79 -25.47 4.52 3.19
CA SER A 79 -26.74 3.86 3.49
C SER A 79 -27.88 4.85 3.23
N TYR A 80 -28.93 4.37 2.56
CA TYR A 80 -30.07 5.20 2.16
C TYR A 80 -30.90 5.63 3.36
N GLY A 81 -30.85 4.84 4.42
CA GLY A 81 -31.68 5.05 5.61
C GLY A 81 -31.28 6.22 6.48
N ASP A 82 -32.09 6.45 7.51
CA ASP A 82 -31.84 7.49 8.50
C ASP A 82 -31.02 6.97 9.68
N ASN A 83 -30.29 5.88 9.44
CA ASN A 83 -29.41 5.27 10.43
C ASN A 83 -28.18 6.12 10.74
N ALA A 84 -27.75 6.90 9.76
CA ALA A 84 -26.58 7.77 9.92
C ALA A 84 -26.94 9.19 10.32
N GLN A 85 -28.24 9.48 10.35
CA GLN A 85 -28.74 10.81 10.72
C GLN A 85 -29.31 10.87 12.12
N ASN A 86 -29.01 11.95 12.82
CA ASN A 86 -29.63 12.26 14.11
C ASN A 86 -30.38 13.58 13.98
N GLY A 87 -31.59 13.62 14.54
CA GLY A 87 -32.45 14.79 14.44
C GLY A 87 -32.41 15.65 15.68
N GLY A 88 -31.63 16.73 15.63
CA GLY A 88 -31.49 17.66 16.76
C GLY A 88 -30.36 17.28 17.70
N GLY A 89 -29.63 16.22 17.36
CA GLY A 89 -28.58 15.69 18.21
C GLY A 89 -27.17 15.93 17.71
N LEU A 90 -26.32 14.93 17.88
CA LEU A 90 -24.94 15.00 17.44
C LEU A 90 -24.63 13.92 16.41
N VAL A 91 -24.00 14.33 15.31
CA VAL A 91 -23.58 13.40 14.28
C VAL A 91 -22.05 13.47 14.12
N ILE A 92 -21.37 12.48 14.69
CA ILE A 92 -19.91 12.44 14.64
C ILE A 92 -19.44 11.84 13.31
N ASP A 93 -18.74 12.66 12.52
CA ASP A 93 -18.15 12.21 11.27
C ASP A 93 -16.85 11.46 11.56
N MET A 94 -16.76 10.25 11.02
CA MET A 94 -15.63 9.36 11.30
C MET A 94 -14.52 9.42 10.24
N THR A 95 -14.81 10.07 9.12
CA THR A 95 -13.89 10.13 7.98
C THR A 95 -12.51 10.79 8.22
N PRO A 96 -12.41 11.74 9.18
CA PRO A 96 -11.08 12.31 9.44
C PRO A 96 -10.14 11.37 10.19
N LEU A 97 -10.71 10.35 10.84
CA LEU A 97 -9.93 9.34 11.55
C LEU A 97 -9.73 8.13 10.63
N ASN A 98 -8.81 8.25 9.67
CA ASN A 98 -8.62 7.22 8.66
C ASN A 98 -7.21 6.63 8.56
N THR A 99 -6.59 6.40 9.71
CA THR A 99 -5.25 5.83 9.77
C THR A 99 -5.28 4.30 9.55
N ILE A 100 -4.46 3.85 8.60
CA ILE A 100 -4.13 2.43 8.48
C ILE A 100 -2.92 2.18 9.36
N HIS A 101 -3.10 1.39 10.42
CA HIS A 101 -2.03 1.17 11.40
C HIS A 101 -1.02 0.14 10.98
N SER A 102 -1.48 -1.03 10.54
CA SER A 102 -0.59 -2.11 10.11
C SER A 102 -1.29 -3.12 9.20
N ILE A 103 -0.58 -3.55 8.17
CA ILE A 103 -1.02 -4.68 7.35
C ILE A 103 0.06 -5.76 7.36
N ASP A 104 -0.32 -6.96 7.78
CA ASP A 104 0.59 -8.12 7.83
C ASP A 104 0.17 -9.12 6.75
N ALA A 105 1.13 -9.60 5.98
CA ALA A 105 0.87 -10.56 4.90
C ALA A 105 0.94 -12.01 5.36
N ASP A 106 1.74 -12.26 6.41
CA ASP A 106 1.89 -13.60 6.97
C ASP A 106 0.67 -14.01 7.79
N THR A 107 0.24 -13.13 8.69
CA THR A 107 -0.89 -13.42 9.57
C THR A 107 -2.23 -13.06 8.91
N LYS A 108 -2.17 -12.40 7.76
CA LYS A 108 -3.34 -11.96 6.99
C LYS A 108 -4.18 -10.89 7.71
N LEU A 109 -3.57 -10.24 8.70
CA LEU A 109 -4.28 -9.30 9.56
C LEU A 109 -4.10 -7.85 9.14
N VAL A 110 -5.19 -7.08 9.26
CA VAL A 110 -5.18 -5.64 9.00
C VAL A 110 -5.75 -4.90 10.20
N ASP A 111 -5.01 -3.91 10.68
CA ASP A 111 -5.44 -3.08 11.80
C ASP A 111 -5.70 -1.66 11.28
N ILE A 112 -6.97 -1.27 11.24
CA ILE A 112 -7.35 0.06 10.74
C ILE A 112 -8.27 0.83 11.70
N ASP A 113 -8.22 2.16 11.59
CA ASP A 113 -9.21 3.01 12.23
C ASP A 113 -10.54 2.85 11.50
N ALA A 114 -11.64 3.03 12.23
CA ALA A 114 -12.97 2.81 11.67
C ALA A 114 -13.27 3.71 10.47
N GLY A 115 -12.61 4.86 10.42
CA GLY A 115 -12.85 5.85 9.37
C GLY A 115 -12.23 5.57 8.02
N VAL A 116 -11.34 4.58 7.94
CA VAL A 116 -10.76 4.21 6.64
C VAL A 116 -11.85 3.58 5.78
N ASN A 117 -11.84 3.92 4.49
CA ASN A 117 -12.80 3.35 3.56
C ASN A 117 -12.26 2.10 2.85
N LEU A 118 -13.14 1.38 2.18
CA LEU A 118 -12.78 0.12 1.51
C LEU A 118 -11.93 0.34 0.26
N ASP A 119 -12.25 1.38 -0.51
CA ASP A 119 -11.42 1.76 -1.66
C ASP A 119 -9.99 2.04 -1.22
N GLN A 120 -9.86 2.75 -0.10
CA GLN A 120 -8.56 3.06 0.50
C GLN A 120 -7.83 1.80 0.97
N LEU A 121 -8.55 0.93 1.68
CA LEU A 121 -7.98 -0.31 2.22
C LEU A 121 -7.63 -1.32 1.13
N MET A 122 -8.50 -1.44 0.13
CA MET A 122 -8.27 -2.34 -1.00
C MET A 122 -7.02 -1.99 -1.80
N LYS A 123 -6.71 -0.70 -1.90
CA LYS A 123 -5.50 -0.25 -2.59
C LYS A 123 -4.22 -0.46 -1.78
N ALA A 124 -4.33 -0.42 -0.46
CA ALA A 124 -3.19 -0.58 0.44
C ALA A 124 -2.83 -2.04 0.70
N ALA A 125 -3.79 -2.94 0.47
CA ALA A 125 -3.63 -4.36 0.77
C ALA A 125 -3.03 -5.20 -0.37
N LEU A 126 -3.27 -4.76 -1.61
CA LEU A 126 -2.84 -5.52 -2.80
C LEU A 126 -1.33 -5.77 -2.93
N PRO A 127 -0.48 -4.78 -2.55
CA PRO A 127 0.97 -5.05 -2.51
C PRO A 127 1.37 -6.15 -1.51
N PHE A 128 0.47 -6.50 -0.59
CA PHE A 128 0.69 -7.60 0.34
C PHE A 128 0.11 -8.91 -0.20
N GLY A 129 -0.54 -8.83 -1.36
CA GLY A 129 -1.23 -9.98 -1.93
C GLY A 129 -2.51 -10.30 -1.17
N LEU A 130 -3.16 -9.26 -0.65
CA LEU A 130 -4.35 -9.42 0.17
C LEU A 130 -5.56 -8.68 -0.40
N TRP A 131 -6.73 -9.29 -0.23
CA TRP A 131 -7.99 -8.80 -0.80
C TRP A 131 -8.98 -8.60 0.30
N VAL A 132 -9.82 -7.58 0.16
CA VAL A 132 -10.89 -7.28 1.12
C VAL A 132 -11.95 -8.40 1.08
N PRO A 133 -12.21 -9.03 2.23
CA PRO A 133 -13.09 -10.21 2.32
C PRO A 133 -14.50 -9.99 1.77
N VAL A 134 -15.11 -8.84 2.08
CA VAL A 134 -16.45 -8.52 1.61
C VAL A 134 -16.49 -7.13 0.96
N LEU A 135 -16.84 -7.11 -0.33
CA LEU A 135 -17.00 -5.87 -1.07
C LEU A 135 -18.45 -5.66 -1.49
N PRO A 136 -19.05 -4.52 -1.13
CA PRO A 136 -20.39 -4.15 -1.60
C PRO A 136 -20.34 -3.51 -2.99
N GLY A 137 -21.44 -2.87 -3.40
CA GLY A 137 -21.53 -2.19 -4.70
C GLY A 137 -20.44 -1.16 -4.90
N THR A 138 -20.58 -0.02 -4.21
CA THR A 138 -19.52 0.98 -4.16
C THR A 138 -18.51 0.65 -3.07
N ARG A 139 -17.24 0.97 -3.34
CA ARG A 139 -16.17 0.78 -2.35
C ARG A 139 -16.08 1.97 -1.41
N GLN A 140 -16.79 3.04 -1.72
CA GLN A 140 -16.80 4.24 -0.90
C GLN A 140 -17.65 4.06 0.36
N VAL A 141 -17.26 3.09 1.17
CA VAL A 141 -17.87 2.84 2.48
C VAL A 141 -16.76 2.66 3.51
N THR A 142 -16.96 3.20 4.71
CA THR A 142 -15.96 3.07 5.78
C THR A 142 -16.04 1.70 6.42
N VAL A 143 -15.00 1.34 7.17
CA VAL A 143 -14.98 0.11 7.96
C VAL A 143 -15.98 0.20 9.11
N GLY A 144 -16.04 1.37 9.74
CA GLY A 144 -17.02 1.65 10.80
C GLY A 144 -18.44 1.34 10.38
N GLY A 145 -18.81 1.81 9.19
CA GLY A 145 -20.13 1.59 8.62
C GLY A 145 -20.34 0.19 8.09
N ALA A 146 -19.25 -0.45 7.69
CA ALA A 146 -19.29 -1.82 7.14
C ALA A 146 -19.70 -2.83 8.19
N ILE A 147 -19.12 -2.69 9.39
CA ILE A 147 -19.47 -3.55 10.54
C ILE A 147 -20.87 -3.22 11.06
N ALA A 148 -21.18 -1.92 11.14
CA ALA A 148 -22.44 -1.43 11.68
C ALA A 148 -23.68 -1.84 10.89
N CYS A 149 -23.46 -2.30 9.66
CA CYS A 149 -24.54 -2.82 8.83
C CYS A 149 -24.33 -4.30 8.55
N ASP A 150 -23.14 -4.80 8.90
CA ASP A 150 -22.73 -6.17 8.58
C ASP A 150 -22.94 -6.41 7.09
N ILE A 151 -22.35 -5.53 6.28
CA ILE A 151 -22.58 -5.49 4.84
C ILE A 151 -22.17 -6.79 4.15
N HIS A 152 -22.84 -7.08 3.03
CA HIS A 152 -22.62 -8.29 2.27
C HIS A 152 -22.22 -7.95 0.86
N GLY A 153 -21.65 -8.93 0.16
CA GLY A 153 -21.23 -8.75 -1.23
C GLY A 153 -21.62 -9.89 -2.14
N LYS A 154 -20.93 -10.00 -3.28
CA LYS A 154 -21.19 -11.04 -4.27
C LYS A 154 -20.68 -12.43 -3.84
N ASN A 155 -19.83 -12.45 -2.82
CA ASN A 155 -19.27 -13.71 -2.33
C ASN A 155 -19.86 -14.18 -1.01
N HIS A 156 -21.10 -13.78 -0.74
CA HIS A 156 -21.75 -14.13 0.51
C HIS A 156 -21.98 -15.61 0.66
N HIS A 157 -22.21 -16.31 -0.45
CA HIS A 157 -22.40 -17.75 -0.42
C HIS A 157 -21.13 -18.50 -0.11
N SER A 158 -19.99 -17.81 -0.26
CA SER A 158 -18.67 -18.41 -0.01
C SER A 158 -17.95 -17.82 1.21
N ALA A 159 -18.21 -16.55 1.51
CA ALA A 159 -17.49 -15.83 2.58
C ALA A 159 -18.38 -15.26 3.67
N GLY A 160 -19.69 -15.23 3.43
CA GLY A 160 -20.64 -14.66 4.37
C GLY A 160 -20.56 -13.14 4.37
N SER A 161 -20.98 -12.53 5.47
CA SER A 161 -20.98 -11.08 5.59
C SER A 161 -19.67 -10.55 6.19
N PHE A 162 -19.54 -9.23 6.24
CA PHE A 162 -18.31 -8.57 6.68
C PHE A 162 -17.92 -8.87 8.13
N GLY A 163 -18.92 -9.09 8.98
CA GLY A 163 -18.70 -9.40 10.40
C GLY A 163 -17.99 -10.72 10.66
N ASN A 164 -18.07 -11.64 9.69
CA ASN A 164 -17.39 -12.93 9.78
C ASN A 164 -15.86 -12.81 9.70
N HIS A 165 -15.38 -11.60 9.39
CA HIS A 165 -13.97 -11.36 9.13
C HIS A 165 -13.36 -10.39 10.08
N VAL A 166 -14.21 -9.79 10.93
CA VAL A 166 -13.75 -8.93 12.01
C VAL A 166 -13.18 -9.79 13.12
N ARG A 167 -11.94 -9.50 13.50
CA ARG A 167 -11.24 -10.28 14.52
C ARG A 167 -11.20 -9.59 15.88
N SER A 168 -11.27 -8.25 15.87
CA SER A 168 -11.38 -7.47 17.10
C SER A 168 -11.82 -6.03 16.82
N MET A 169 -12.65 -5.49 17.71
CA MET A 169 -13.08 -4.10 17.64
C MET A 169 -12.64 -3.34 18.89
N ASP A 170 -12.44 -2.04 18.74
CA ASP A 170 -12.19 -1.16 19.87
C ASP A 170 -13.33 -0.15 19.98
N LEU A 171 -14.42 -0.57 20.61
CA LEU A 171 -15.63 0.21 20.70
C LEU A 171 -15.56 1.25 21.80
N LEU A 172 -16.00 2.47 21.50
CA LEU A 172 -16.18 3.52 22.50
C LEU A 172 -17.61 3.47 23.01
N THR A 173 -17.78 2.99 24.24
CA THR A 173 -19.10 2.83 24.84
C THR A 173 -19.61 4.16 25.41
N ALA A 174 -20.78 4.11 26.07
CA ALA A 174 -21.45 5.30 26.58
C ALA A 174 -20.75 5.95 27.77
N ASP A 175 -20.24 5.13 28.69
CA ASP A 175 -19.65 5.60 29.95
C ASP A 175 -18.29 6.30 29.78
N GLY A 176 -17.87 6.50 28.53
CA GLY A 176 -16.59 7.14 28.23
C GLY A 176 -15.44 6.17 28.09
N GLU A 177 -15.67 4.91 28.43
CA GLU A 177 -14.64 3.86 28.36
C GLU A 177 -14.59 3.25 26.96
N ILE A 178 -13.47 2.59 26.67
CA ILE A 178 -13.30 1.86 25.41
C ILE A 178 -13.09 0.37 25.67
N ARG A 179 -13.91 -0.46 25.04
CA ARG A 179 -13.88 -1.90 25.25
C ARG A 179 -13.38 -2.65 24.01
N HIS A 180 -12.41 -3.53 24.23
CA HIS A 180 -11.81 -4.34 23.17
C HIS A 180 -12.58 -5.62 23.01
N LEU A 181 -13.28 -5.75 21.88
CA LEU A 181 -14.21 -6.85 21.65
C LEU A 181 -13.68 -7.87 20.64
N THR A 182 -14.10 -9.13 20.77
CA THR A 182 -13.72 -10.22 19.87
C THR A 182 -14.90 -11.17 19.64
N PRO A 183 -14.88 -11.93 18.52
CA PRO A 183 -15.95 -12.91 18.23
C PRO A 183 -16.17 -13.93 19.35
N THR A 184 -15.10 -14.28 20.08
CA THR A 184 -15.18 -15.22 21.19
C THR A 184 -14.74 -14.57 22.51
N GLY A 185 -14.79 -15.34 23.59
CA GLY A 185 -14.36 -14.86 24.91
C GLY A 185 -15.30 -13.86 25.54
N GLU A 186 -14.74 -12.86 26.24
CA GLU A 186 -15.54 -11.80 26.85
C GLU A 186 -15.97 -10.82 25.78
N ASP A 187 -17.08 -10.12 26.03
CA ASP A 187 -17.64 -9.13 25.11
C ASP A 187 -18.04 -9.71 23.75
N ALA A 188 -18.12 -11.03 23.67
CA ALA A 188 -18.59 -11.72 22.47
C ALA A 188 -20.06 -11.42 22.22
N GLU A 189 -20.77 -11.15 23.31
CA GLU A 189 -22.17 -10.73 23.27
C GLU A 189 -22.30 -9.32 22.71
N LEU A 190 -21.45 -8.40 23.19
CA LEU A 190 -21.45 -7.01 22.75
C LEU A 190 -20.86 -6.86 21.33
N PHE A 191 -19.94 -7.76 20.99
CA PHE A 191 -19.31 -7.80 19.67
C PHE A 191 -20.37 -7.99 18.59
N TRP A 192 -21.08 -9.11 18.66
CA TRP A 192 -22.09 -9.47 17.66
C TRP A 192 -23.29 -8.57 17.71
N ALA A 193 -23.36 -7.72 18.72
CA ALA A 193 -24.38 -6.68 18.81
C ALA A 193 -23.98 -5.46 17.98
N THR A 194 -22.68 -5.16 17.95
CA THR A 194 -22.14 -4.05 17.17
C THR A 194 -22.14 -4.39 15.68
N VAL A 195 -21.84 -5.66 15.38
CA VAL A 195 -22.01 -6.20 14.05
C VAL A 195 -23.48 -6.03 13.66
N GLY A 196 -23.75 -5.09 12.77
CA GLY A 196 -25.11 -4.80 12.33
C GLY A 196 -25.93 -4.04 13.35
N GLY A 197 -25.24 -3.46 14.35
CA GLY A 197 -25.92 -2.72 15.41
C GLY A 197 -26.28 -1.29 15.05
N ASN A 198 -26.08 -0.93 13.79
CA ASN A 198 -26.37 0.40 13.27
C ASN A 198 -25.82 1.56 14.10
N GLY A 199 -24.72 1.30 14.80
CA GLY A 199 -24.01 2.30 15.60
C GLY A 199 -24.69 2.73 16.88
N LEU A 200 -25.64 1.92 17.35
CA LEU A 200 -26.43 2.25 18.53
C LEU A 200 -25.79 1.73 19.83
N THR A 201 -24.93 0.72 19.69
CA THR A 201 -24.21 0.15 20.83
C THR A 201 -23.02 1.01 21.24
N GLY A 202 -22.47 1.75 20.28
CA GLY A 202 -21.34 2.64 20.55
C GLY A 202 -20.65 3.15 19.29
N ILE A 203 -19.43 3.65 19.48
CA ILE A 203 -18.61 4.17 18.39
C ILE A 203 -17.40 3.26 18.19
N ILE A 204 -17.37 2.59 17.05
CA ILE A 204 -16.23 1.76 16.68
C ILE A 204 -15.08 2.70 16.34
N MET A 205 -13.96 2.54 17.03
CA MET A 205 -12.80 3.42 16.85
C MET A 205 -11.76 2.77 15.97
N ARG A 206 -11.57 1.47 16.17
CA ARG A 206 -10.45 0.73 15.60
C ARG A 206 -10.84 -0.74 15.43
N ALA A 207 -10.57 -1.29 14.25
CA ALA A 207 -10.95 -2.67 13.94
C ALA A 207 -9.80 -3.48 13.36
N THR A 208 -9.80 -4.77 13.65
CA THR A 208 -8.84 -5.71 13.07
C THR A 208 -9.59 -6.72 12.18
N ILE A 209 -9.16 -6.80 10.93
CA ILE A 209 -9.88 -7.60 9.91
C ILE A 209 -9.03 -8.76 9.38
N GLU A 210 -9.66 -9.92 9.29
CA GLU A 210 -9.09 -11.08 8.59
C GLU A 210 -9.25 -10.88 7.08
N MET A 211 -8.15 -11.02 6.35
CA MET A 211 -8.15 -10.76 4.90
C MET A 211 -8.06 -12.03 4.06
N THR A 212 -8.61 -11.96 2.85
CA THR A 212 -8.51 -13.06 1.90
C THR A 212 -7.24 -12.92 1.06
N PRO A 213 -6.37 -13.94 1.09
CA PRO A 213 -5.15 -13.93 0.27
C PRO A 213 -5.46 -14.04 -1.22
N THR A 214 -4.66 -13.37 -2.04
CA THR A 214 -4.85 -13.38 -3.49
C THR A 214 -3.56 -13.25 -4.28
N SER A 215 -3.48 -13.95 -5.39
CA SER A 215 -2.33 -13.87 -6.29
C SER A 215 -2.48 -12.72 -7.30
N THR A 216 -3.72 -12.37 -7.64
CA THR A 216 -3.98 -11.26 -8.58
C THR A 216 -5.09 -10.32 -8.08
N ALA A 217 -5.27 -9.21 -8.79
CA ALA A 217 -6.36 -8.28 -8.55
C ALA A 217 -7.41 -8.39 -9.66
N TYR A 218 -7.63 -9.61 -10.13
CA TYR A 218 -8.52 -9.87 -11.26
C TYR A 218 -9.55 -10.98 -10.99
N PHE A 219 -10.45 -11.17 -11.94
CA PHE A 219 -11.48 -12.20 -11.87
C PHE A 219 -11.61 -12.94 -13.20
N ILE A 220 -11.89 -14.24 -13.12
CA ILE A 220 -12.36 -14.99 -14.29
C ILE A 220 -13.84 -15.30 -14.11
N ALA A 221 -14.65 -14.97 -15.12
CA ALA A 221 -16.10 -15.04 -14.99
C ALA A 221 -16.78 -15.89 -16.05
N ASP A 222 -17.90 -16.51 -15.65
CA ASP A 222 -18.75 -17.25 -16.56
C ASP A 222 -20.10 -16.55 -16.68
N GLY A 223 -20.47 -16.19 -17.91
CA GLY A 223 -21.71 -15.47 -18.17
C GLY A 223 -22.84 -16.37 -18.61
N ASP A 224 -24.04 -16.10 -18.10
CA ASP A 224 -25.23 -16.90 -18.40
C ASP A 224 -26.47 -16.01 -18.46
N VAL A 225 -27.29 -16.24 -19.49
CA VAL A 225 -28.55 -15.52 -19.65
C VAL A 225 -29.72 -16.50 -19.59
N THR A 226 -30.61 -16.28 -18.63
CA THR A 226 -31.80 -17.10 -18.46
C THR A 226 -32.99 -16.46 -19.21
N ALA A 227 -33.98 -17.29 -19.58
CA ALA A 227 -35.13 -16.82 -20.35
C ALA A 227 -36.43 -16.76 -19.53
N SER A 228 -36.33 -17.15 -18.26
CA SER A 228 -37.46 -17.10 -17.32
C SER A 228 -36.99 -17.15 -15.87
N LEU A 229 -37.90 -16.85 -14.95
CA LEU A 229 -37.62 -16.92 -13.52
C LEU A 229 -37.25 -18.34 -13.09
N ASP A 230 -37.94 -19.33 -13.68
CA ASP A 230 -37.70 -20.74 -13.39
C ASP A 230 -36.28 -21.18 -13.71
N GLU A 231 -35.71 -20.63 -14.79
CA GLU A 231 -34.32 -20.90 -15.18
C GLU A 231 -33.36 -20.33 -14.14
N THR A 232 -33.56 -19.06 -13.79
CA THR A 232 -32.74 -18.35 -12.80
C THR A 232 -32.69 -19.09 -11.47
N ILE A 233 -33.85 -19.59 -11.03
CA ILE A 233 -33.95 -20.36 -9.79
C ILE A 233 -33.21 -21.68 -9.91
N ALA A 234 -33.51 -22.43 -10.98
CA ALA A 234 -32.86 -23.73 -11.25
C ALA A 234 -31.35 -23.60 -11.32
N LEU A 235 -30.88 -22.56 -12.02
CA LEU A 235 -29.46 -22.25 -12.14
C LEU A 235 -28.82 -21.98 -10.77
N HIS A 236 -29.58 -21.36 -9.87
CA HIS A 236 -29.08 -21.01 -8.54
C HIS A 236 -29.22 -22.11 -7.53
N SER A 237 -29.98 -23.14 -7.87
CA SER A 237 -30.25 -24.24 -6.95
C SER A 237 -29.67 -25.60 -7.37
N ASP A 238 -29.26 -25.70 -8.64
CA ASP A 238 -28.71 -26.96 -9.18
C ASP A 238 -27.30 -27.27 -8.68
N GLY A 239 -26.73 -26.37 -7.88
CA GLY A 239 -25.44 -26.61 -7.23
C GLY A 239 -24.23 -26.16 -8.02
N SER A 240 -24.45 -25.48 -9.14
CA SER A 240 -23.38 -24.93 -9.95
C SER A 240 -22.78 -23.68 -9.30
N GLU A 241 -23.49 -23.14 -8.31
CA GLU A 241 -23.03 -22.01 -7.51
C GLU A 241 -21.81 -22.37 -6.67
N ALA A 242 -21.74 -23.64 -6.27
CA ALA A 242 -20.60 -24.17 -5.51
C ALA A 242 -19.29 -24.13 -6.30
N ARG A 243 -19.39 -23.77 -7.58
CA ARG A 243 -18.25 -23.69 -8.48
C ARG A 243 -17.61 -22.30 -8.46
N TYR A 244 -18.34 -21.31 -7.95
CA TYR A 244 -17.88 -19.92 -7.95
C TYR A 244 -17.91 -19.31 -6.55
N THR A 245 -16.96 -18.42 -6.28
CA THR A 245 -16.90 -17.70 -5.01
C THR A 245 -17.79 -16.45 -5.06
N TYR A 246 -17.72 -15.72 -6.17
CA TYR A 246 -18.54 -14.53 -6.40
C TYR A 246 -19.65 -14.82 -7.41
N SER A 247 -20.83 -14.25 -7.18
CA SER A 247 -22.00 -14.45 -8.05
C SER A 247 -23.11 -13.44 -7.80
N SER A 248 -23.75 -12.99 -8.89
CA SER A 248 -24.94 -12.13 -8.84
C SER A 248 -25.72 -12.17 -10.16
N ALA A 249 -26.88 -11.53 -10.20
CA ALA A 249 -27.73 -11.57 -11.39
C ALA A 249 -28.53 -10.29 -11.66
N TRP A 250 -28.28 -9.70 -12.82
CA TRP A 250 -29.08 -8.59 -13.37
C TRP A 250 -30.36 -9.15 -13.92
N PHE A 251 -31.48 -8.91 -13.25
CA PHE A 251 -32.74 -9.56 -13.66
C PHE A 251 -33.87 -8.61 -14.09
N ASP A 252 -34.86 -9.17 -14.79
CA ASP A 252 -36.00 -8.44 -15.33
C ASP A 252 -37.23 -8.59 -14.44
N ALA A 253 -37.81 -7.46 -14.03
CA ALA A 253 -39.02 -7.44 -13.21
C ALA A 253 -40.18 -6.70 -13.87
N ILE A 254 -39.95 -6.23 -15.09
CA ILE A 254 -40.94 -5.50 -15.86
C ILE A 254 -41.69 -6.42 -16.83
N SER A 255 -40.94 -7.21 -17.60
CA SER A 255 -41.51 -8.12 -18.60
C SER A 255 -42.54 -9.09 -18.02
N ALA A 256 -43.59 -9.35 -18.79
CA ALA A 256 -44.67 -10.23 -18.36
C ALA A 256 -44.28 -11.71 -18.52
N PRO A 257 -44.76 -12.59 -17.61
CA PRO A 257 -44.48 -14.02 -17.68
C PRO A 257 -44.80 -14.61 -19.07
N PRO A 258 -44.03 -15.62 -19.52
CA PRO A 258 -42.94 -16.30 -18.81
C PRO A 258 -41.59 -15.57 -18.86
N LYS A 259 -41.55 -14.40 -19.50
CA LYS A 259 -40.33 -13.59 -19.60
C LYS A 259 -39.92 -13.02 -18.23
N LEU A 260 -40.89 -12.88 -17.33
CA LEU A 260 -40.64 -12.38 -15.99
C LEU A 260 -39.58 -13.19 -15.25
N GLY A 261 -38.64 -12.49 -14.62
CA GLY A 261 -37.61 -13.14 -13.82
C GLY A 261 -36.35 -13.52 -14.58
N ARG A 262 -36.38 -13.41 -15.91
CA ARG A 262 -35.21 -13.72 -16.74
C ARG A 262 -34.02 -12.86 -16.31
N ALA A 263 -32.86 -13.47 -16.18
CA ALA A 263 -31.70 -12.82 -15.59
C ALA A 263 -30.43 -12.87 -16.45
N ALA A 264 -29.56 -11.91 -16.21
CA ALA A 264 -28.20 -11.91 -16.73
C ALA A 264 -27.25 -12.20 -15.57
N VAL A 265 -26.85 -13.46 -15.46
CA VAL A 265 -26.06 -13.94 -14.32
C VAL A 265 -24.57 -13.68 -14.56
N SER A 266 -23.89 -13.20 -13.51
CA SER A 266 -22.45 -12.97 -13.55
C SER A 266 -21.77 -13.68 -12.38
N ARG A 267 -21.12 -14.81 -12.68
CA ARG A 267 -20.49 -15.65 -11.66
C ARG A 267 -19.00 -15.78 -11.91
N GLY A 268 -18.19 -15.50 -10.89
CA GLY A 268 -16.74 -15.51 -11.05
C GLY A 268 -15.94 -16.05 -9.89
N ARG A 269 -14.63 -15.94 -10.01
CA ARG A 269 -13.68 -16.41 -9.01
C ARG A 269 -12.39 -15.59 -9.14
N LEU A 270 -11.71 -15.36 -8.02
CA LEU A 270 -10.44 -14.64 -8.02
C LEU A 270 -9.45 -15.34 -8.95
N ALA A 271 -8.82 -14.56 -9.83
CA ALA A 271 -7.91 -15.11 -10.82
C ALA A 271 -6.55 -15.46 -10.23
N THR A 272 -6.01 -16.60 -10.66
CA THR A 272 -4.66 -17.00 -10.30
C THR A 272 -3.66 -16.42 -11.30
N VAL A 273 -2.45 -16.14 -10.83
CA VAL A 273 -1.36 -15.59 -11.65
C VAL A 273 -1.17 -16.34 -12.98
N GLU A 274 -1.37 -17.65 -12.93
CA GLU A 274 -1.25 -18.53 -14.09
C GLU A 274 -2.35 -18.24 -15.13
N GLN A 275 -3.58 -18.04 -14.65
CA GLN A 275 -4.73 -17.79 -15.50
C GLN A 275 -4.68 -16.43 -16.23
N LEU A 276 -3.85 -15.54 -15.73
CA LEU A 276 -3.78 -14.17 -16.23
C LEU A 276 -3.05 -14.10 -17.59
N PRO A 277 -3.63 -13.38 -18.56
CA PRO A 277 -3.05 -13.23 -19.91
C PRO A 277 -1.63 -12.65 -19.88
N ALA A 278 -0.81 -13.10 -20.84
CA ALA A 278 0.63 -12.84 -20.87
C ALA A 278 1.09 -11.42 -20.50
N LYS A 279 0.35 -10.41 -20.93
CA LYS A 279 0.72 -9.01 -20.67
C LYS A 279 0.52 -8.64 -19.20
N LEU A 280 -0.59 -9.11 -18.63
CA LEU A 280 -1.02 -8.73 -17.29
C LEU A 280 -0.21 -9.35 -16.15
N ARG A 281 0.41 -10.51 -16.40
CA ARG A 281 1.18 -11.23 -15.37
C ARG A 281 2.32 -10.40 -14.81
N SER A 282 2.82 -9.47 -15.64
CA SER A 282 3.92 -8.58 -15.26
C SER A 282 3.59 -7.82 -13.99
N GLU A 283 2.38 -7.25 -13.94
CA GLU A 283 1.87 -6.54 -12.77
C GLU A 283 0.57 -7.20 -12.29
N PRO A 284 0.68 -8.35 -11.61
CA PRO A 284 -0.51 -9.16 -11.30
C PRO A 284 -1.42 -8.53 -10.24
N LEU A 285 -0.85 -7.72 -9.36
CA LEU A 285 -1.60 -7.11 -8.26
C LEU A 285 -1.83 -5.59 -8.45
N LYS A 286 -1.70 -5.12 -9.68
CA LYS A 286 -1.93 -3.70 -9.98
C LYS A 286 -3.42 -3.37 -10.08
N PHE A 287 -3.77 -2.12 -9.80
CA PHE A 287 -5.14 -1.64 -9.93
C PHE A 287 -5.19 -0.37 -10.77
N ASP A 288 -6.20 -0.29 -11.64
CA ASP A 288 -6.37 0.86 -12.53
C ASP A 288 -7.83 1.07 -12.91
N GLU A 314 -33.92 -9.95 -29.46
CA GLU A 314 -33.33 -10.11 -28.14
C GLU A 314 -32.06 -10.97 -28.16
N LEU A 315 -31.71 -11.48 -29.34
CA LEU A 315 -30.60 -12.42 -29.51
C LEU A 315 -29.22 -11.83 -29.15
N TRP A 316 -28.99 -10.58 -29.56
CA TRP A 316 -27.72 -9.89 -29.27
C TRP A 316 -27.47 -9.81 -27.79
N TYR A 317 -28.52 -9.57 -27.02
CA TYR A 317 -28.46 -9.46 -25.57
C TYR A 317 -28.02 -10.76 -24.88
N ARG A 318 -28.45 -11.90 -25.43
CA ARG A 318 -28.15 -13.21 -24.85
C ARG A 318 -26.70 -13.64 -25.08
N LYS A 319 -26.26 -13.54 -26.34
CA LYS A 319 -24.92 -14.00 -26.74
C LYS A 319 -23.79 -13.16 -26.14
N SER A 320 -24.05 -11.87 -25.94
CA SER A 320 -23.10 -10.97 -25.28
C SER A 320 -23.02 -11.30 -23.80
N GLY A 321 -24.13 -11.76 -23.23
CA GLY A 321 -24.19 -12.15 -21.83
C GLY A 321 -23.55 -13.50 -21.54
N THR A 322 -23.50 -14.37 -22.56
CA THR A 322 -22.94 -15.71 -22.40
C THR A 322 -21.48 -15.78 -22.82
N TYR A 323 -20.62 -16.16 -21.87
CA TYR A 323 -19.17 -16.27 -22.09
C TYR A 323 -18.58 -17.24 -21.05
N ARG A 324 -17.31 -17.60 -21.23
CA ARG A 324 -16.63 -18.53 -20.32
C ARG A 324 -15.17 -18.16 -20.08
N GLY A 325 -14.78 -18.15 -18.80
CA GLY A 325 -13.38 -17.93 -18.40
C GLY A 325 -12.80 -16.56 -18.69
N LYS A 326 -13.66 -15.59 -18.98
CA LYS A 326 -13.25 -14.24 -19.35
C LYS A 326 -12.57 -13.50 -18.19
N VAL A 327 -11.37 -12.99 -18.45
CA VAL A 327 -10.61 -12.24 -17.44
C VAL A 327 -11.03 -10.77 -17.45
N GLN A 328 -11.43 -10.26 -16.29
CA GLN A 328 -11.83 -8.87 -16.14
C GLN A 328 -11.51 -8.33 -14.75
N ASN A 329 -11.17 -7.05 -14.68
CA ASN A 329 -10.83 -6.37 -13.42
C ASN A 329 -12.05 -6.16 -12.53
N LEU A 330 -11.82 -5.55 -11.36
CA LEU A 330 -12.89 -5.28 -10.40
C LEU A 330 -13.97 -4.36 -10.97
N THR A 331 -13.54 -3.33 -11.71
CA THR A 331 -14.46 -2.35 -12.28
C THR A 331 -15.36 -2.96 -13.37
N GLN A 332 -14.78 -3.85 -14.18
CA GLN A 332 -15.53 -4.56 -15.22
C GLN A 332 -16.48 -5.58 -14.59
N PHE A 333 -15.99 -6.28 -13.56
CA PHE A 333 -16.77 -7.32 -12.87
C PHE A 333 -17.92 -6.72 -12.06
N TYR A 334 -17.82 -5.43 -11.74
CA TYR A 334 -18.88 -4.69 -11.07
C TYR A 334 -19.44 -3.60 -11.98
N GLY A 351 -36.42 10.86 -5.32
CA GLY A 351 -36.79 10.55 -6.70
C GLY A 351 -37.04 9.08 -6.94
N PHE A 352 -36.19 8.23 -6.35
CA PHE A 352 -36.28 6.78 -6.49
C PHE A 352 -36.30 6.08 -5.13
N LEU A 353 -37.16 5.07 -5.00
CA LEU A 353 -37.20 4.25 -3.80
C LEU A 353 -36.45 2.94 -4.00
N GLN A 354 -35.37 2.79 -3.24
CA GLN A 354 -34.57 1.56 -3.24
C GLN A 354 -35.19 0.60 -2.22
N TYR A 355 -35.38 -0.65 -2.63
CA TYR A 355 -36.06 -1.64 -1.82
C TYR A 355 -35.36 -2.98 -1.89
N GLN A 356 -34.92 -3.49 -0.73
CA GLN A 356 -34.21 -4.76 -0.65
C GLN A 356 -34.84 -5.72 0.34
N PHE A 357 -34.95 -6.98 -0.06
CA PHE A 357 -35.48 -8.04 0.81
C PHE A 357 -34.89 -9.41 0.50
N VAL A 358 -34.96 -10.30 1.49
CA VAL A 358 -34.51 -11.69 1.37
C VAL A 358 -35.65 -12.65 1.76
N ILE A 359 -35.72 -13.80 1.08
CA ILE A 359 -36.73 -14.82 1.36
C ILE A 359 -36.03 -16.18 1.53
N PRO A 360 -36.30 -16.87 2.66
CA PRO A 360 -35.66 -18.17 2.98
C PRO A 360 -35.68 -19.17 1.82
N THR A 361 -34.57 -19.88 1.64
CA THR A 361 -34.35 -20.76 0.50
C THR A 361 -35.49 -21.76 0.23
N GLU A 362 -36.06 -22.29 1.30
CA GLU A 362 -37.15 -23.27 1.19
C GLU A 362 -38.47 -22.65 0.71
N ALA A 363 -38.61 -21.34 0.89
CA ALA A 363 -39.81 -20.62 0.47
C ALA A 363 -39.70 -20.09 -0.97
N VAL A 364 -39.43 -21.00 -1.90
CA VAL A 364 -39.20 -20.66 -3.31
C VAL A 364 -40.48 -20.24 -4.06
N ASP A 365 -41.60 -20.91 -3.77
CA ASP A 365 -42.89 -20.60 -4.38
C ASP A 365 -43.35 -19.20 -3.98
N GLU A 366 -43.19 -18.89 -2.68
CA GLU A 366 -43.56 -17.61 -2.11
C GLU A 366 -42.70 -16.48 -2.69
N PHE A 367 -41.47 -16.83 -3.08
CA PHE A 367 -40.58 -15.92 -3.77
C PHE A 367 -41.08 -15.65 -5.19
N LYS A 368 -41.37 -16.71 -5.93
CA LYS A 368 -41.98 -16.62 -7.27
C LYS A 368 -43.19 -15.72 -7.25
N LYS A 369 -43.91 -15.72 -6.13
CA LYS A 369 -45.11 -14.91 -5.95
C LYS A 369 -44.79 -13.42 -5.86
N ILE A 370 -43.85 -13.06 -4.99
CA ILE A 370 -43.49 -11.65 -4.77
C ILE A 370 -43.04 -10.96 -6.07
N ILE A 371 -42.28 -11.69 -6.89
CA ILE A 371 -41.84 -11.18 -8.19
C ILE A 371 -43.04 -10.90 -9.10
N GLY A 372 -44.02 -11.81 -9.10
CA GLY A 372 -45.25 -11.64 -9.85
C GLY A 372 -46.09 -10.47 -9.36
N VAL A 373 -46.13 -10.31 -8.04
CA VAL A 373 -46.76 -9.16 -7.39
C VAL A 373 -46.11 -7.86 -7.86
N ILE A 374 -44.78 -7.86 -7.92
CA ILE A 374 -44.02 -6.71 -8.41
C ILE A 374 -44.30 -6.46 -9.89
N GLN A 375 -44.37 -7.54 -10.68
CA GLN A 375 -44.70 -7.48 -12.10
C GLN A 375 -46.07 -6.83 -12.36
N ALA A 376 -47.09 -7.30 -11.65
CA ALA A 376 -48.46 -6.83 -11.83
C ALA A 376 -48.69 -5.46 -11.19
N SER A 377 -47.84 -5.12 -10.22
CA SER A 377 -47.93 -3.89 -9.42
C SER A 377 -48.36 -2.63 -10.18
N GLY A 378 -47.73 -2.39 -11.33
CA GLY A 378 -47.86 -1.13 -12.04
C GLY A 378 -46.71 -0.21 -11.67
N HIS A 379 -45.73 -0.76 -10.97
CA HIS A 379 -44.50 -0.06 -10.64
C HIS A 379 -43.36 -0.76 -11.32
N TYR A 380 -42.49 0.01 -11.96
CA TYR A 380 -41.52 -0.56 -12.88
C TYR A 380 -40.10 -0.26 -12.46
N SER A 381 -39.46 -1.28 -11.88
CA SER A 381 -38.06 -1.20 -11.53
C SER A 381 -37.24 -1.84 -12.63
N PHE A 382 -36.16 -1.16 -13.02
CA PHE A 382 -35.27 -1.69 -14.03
C PHE A 382 -33.92 -2.12 -13.44
N LEU A 383 -33.45 -1.38 -12.43
CA LEU A 383 -32.25 -1.79 -11.69
C LEU A 383 -32.64 -2.87 -10.68
N ASN A 384 -32.37 -4.12 -11.05
CA ASN A 384 -32.81 -5.28 -10.27
C ASN A 384 -31.69 -6.30 -10.05
N VAL A 385 -31.14 -6.32 -8.84
CA VAL A 385 -30.05 -7.22 -8.50
C VAL A 385 -30.58 -8.46 -7.78
N PHE A 386 -30.16 -9.63 -8.26
CA PHE A 386 -30.60 -10.92 -7.73
C PHE A 386 -29.40 -11.65 -7.14
N LYS A 387 -29.61 -12.32 -6.01
CA LYS A 387 -28.52 -13.00 -5.30
C LYS A 387 -29.02 -14.09 -4.37
N LEU A 388 -28.36 -15.25 -4.39
CA LEU A 388 -28.60 -16.31 -3.43
C LEU A 388 -27.59 -16.23 -2.29
N PHE A 389 -28.09 -15.95 -1.09
CA PHE A 389 -27.27 -15.82 0.11
C PHE A 389 -26.84 -17.18 0.64
N GLY A 390 -25.66 -17.23 1.26
CA GLY A 390 -25.20 -18.43 1.95
C GLY A 390 -25.61 -18.40 3.40
N PRO A 391 -25.01 -19.27 4.25
CA PRO A 391 -25.29 -19.30 5.70
C PRO A 391 -25.12 -17.95 6.39
N ARG A 392 -25.86 -17.76 7.48
CA ARG A 392 -25.83 -16.53 8.25
C ARG A 392 -24.81 -16.58 9.38
N ASN A 393 -24.39 -15.42 9.87
CA ASN A 393 -23.59 -15.33 11.08
C ASN A 393 -24.47 -15.20 12.32
N GLN A 394 -23.86 -15.15 13.50
CA GLN A 394 -24.61 -15.20 14.76
C GLN A 394 -25.05 -13.84 15.30
N ALA A 395 -24.93 -12.79 14.48
CA ALA A 395 -25.34 -11.44 14.89
C ALA A 395 -26.87 -11.29 14.91
N PRO A 396 -27.42 -10.87 16.07
CA PRO A 396 -28.87 -10.71 16.27
C PRO A 396 -29.55 -9.87 15.18
N LEU A 397 -28.90 -8.78 14.76
CA LEU A 397 -29.49 -7.86 13.78
C LEU A 397 -28.85 -7.90 12.40
N SER A 398 -28.15 -8.99 12.09
CA SER A 398 -27.57 -9.16 10.75
C SER A 398 -28.69 -9.45 9.76
N PHE A 399 -28.71 -8.66 8.67
CA PHE A 399 -29.73 -8.80 7.63
C PHE A 399 -29.68 -10.12 6.88
N PRO A 400 -28.48 -10.56 6.41
CA PRO A 400 -28.41 -11.76 5.57
C PRO A 400 -28.84 -13.05 6.27
N ILE A 401 -29.67 -13.82 5.56
CA ILE A 401 -30.04 -15.19 5.94
C ILE A 401 -30.05 -16.04 4.66
N PRO A 402 -29.78 -17.36 4.78
CA PRO A 402 -29.71 -18.19 3.59
C PRO A 402 -30.99 -18.14 2.77
N GLY A 403 -30.95 -17.44 1.64
CA GLY A 403 -32.13 -17.32 0.79
C GLY A 403 -32.00 -16.42 -0.41
N TRP A 404 -33.17 -16.10 -0.99
CA TRP A 404 -33.26 -15.31 -2.22
C TRP A 404 -33.37 -13.86 -1.91
N ASN A 405 -32.27 -13.16 -2.11
CA ASN A 405 -32.23 -11.73 -1.89
C ASN A 405 -32.31 -10.97 -3.21
N ILE A 406 -33.07 -9.87 -3.21
CA ILE A 406 -33.30 -9.11 -4.42
C ILE A 406 -33.50 -7.64 -4.06
N CYS A 407 -32.84 -6.76 -4.82
CA CYS A 407 -33.09 -5.33 -4.67
C CYS A 407 -33.61 -4.72 -5.94
N VAL A 408 -34.47 -3.76 -5.72
CA VAL A 408 -35.30 -3.17 -6.74
C VAL A 408 -35.34 -1.69 -6.40
N ASP A 409 -35.31 -0.81 -7.35
CA ASP A 409 -35.73 0.49 -6.96
C ASP A 409 -36.69 1.03 -7.94
N PHE A 410 -37.74 1.56 -7.38
CA PHE A 410 -38.90 2.10 -8.05
C PHE A 410 -38.77 3.59 -8.19
N PRO A 411 -39.43 4.14 -9.22
CA PRO A 411 -39.59 5.58 -9.31
C PRO A 411 -40.75 5.99 -8.41
N ILE A 412 -40.53 7.06 -7.64
CA ILE A 412 -41.55 7.55 -6.73
C ILE A 412 -42.78 8.03 -7.50
N LYS A 413 -43.90 7.36 -7.24
CA LYS A 413 -45.15 7.57 -7.95
C LYS A 413 -46.28 7.57 -6.93
N ASP A 414 -47.52 7.61 -7.41
CA ASP A 414 -48.68 7.52 -6.52
C ASP A 414 -48.90 6.08 -6.05
N GLY A 415 -49.15 5.93 -4.76
CA GLY A 415 -49.48 4.62 -4.17
C GLY A 415 -48.30 3.67 -4.04
N LEU A 416 -47.09 4.21 -4.13
CA LEU A 416 -45.88 3.41 -3.96
C LEU A 416 -45.72 3.03 -2.49
N GLY A 417 -45.79 4.03 -1.61
CA GLY A 417 -45.61 3.85 -0.17
C GLY A 417 -46.52 2.81 0.46
N LYS A 418 -47.75 2.72 -0.06
CA LYS A 418 -48.71 1.71 0.40
C LYS A 418 -48.46 0.35 -0.24
N PHE A 419 -48.01 0.36 -1.50
CA PHE A 419 -47.67 -0.89 -2.20
C PHE A 419 -46.50 -1.60 -1.54
N VAL A 420 -45.44 -0.84 -1.21
CA VAL A 420 -44.28 -1.42 -0.53
C VAL A 420 -44.61 -1.83 0.91
N SER A 421 -45.59 -1.17 1.50
CA SER A 421 -46.11 -1.55 2.82
C SER A 421 -46.77 -2.92 2.74
N GLU A 422 -47.26 -3.27 1.56
CA GLU A 422 -47.86 -4.58 1.32
C GLU A 422 -46.79 -5.63 1.02
N LEU A 423 -45.66 -5.17 0.49
CA LEU A 423 -44.52 -6.05 0.30
C LEU A 423 -43.84 -6.36 1.62
N ASP A 424 -43.87 -5.39 2.54
CA ASP A 424 -43.43 -5.58 3.92
C ASP A 424 -44.17 -6.74 4.57
N ARG A 425 -45.50 -6.67 4.56
CA ARG A 425 -46.36 -7.73 5.08
C ARG A 425 -46.05 -9.04 4.38
N ARG A 426 -46.02 -9.00 3.05
CA ARG A 426 -45.80 -10.19 2.23
C ARG A 426 -44.44 -10.84 2.51
N VAL A 427 -43.39 -10.04 2.60
CA VAL A 427 -42.04 -10.53 2.93
C VAL A 427 -42.01 -11.08 4.35
N LEU A 428 -42.64 -10.36 5.28
CA LEU A 428 -42.73 -10.79 6.67
C LEU A 428 -43.46 -12.13 6.80
N GLU A 429 -44.56 -12.27 6.05
CA GLU A 429 -45.36 -13.50 6.04
C GLU A 429 -44.53 -14.74 5.71
N PHE A 430 -43.52 -14.58 4.85
CA PHE A 430 -42.68 -15.69 4.41
C PHE A 430 -41.38 -15.81 5.21
N GLY A 431 -41.27 -15.08 6.31
CA GLY A 431 -40.13 -15.17 7.21
C GLY A 431 -38.83 -14.56 6.70
N GLY A 432 -38.97 -13.57 5.82
CA GLY A 432 -37.83 -12.81 5.31
C GLY A 432 -37.71 -11.47 6.02
N ARG A 433 -36.76 -10.64 5.59
CA ARG A 433 -36.57 -9.32 6.20
C ARG A 433 -36.03 -8.25 5.25
N LEU A 434 -36.16 -6.99 5.68
CA LEU A 434 -35.63 -5.85 4.96
C LEU A 434 -34.27 -5.43 5.53
N TYR A 435 -33.50 -4.73 4.70
CA TYR A 435 -32.15 -4.30 5.05
C TYR A 435 -32.18 -2.88 5.61
N THR A 436 -31.69 -2.71 6.85
CA THR A 436 -31.69 -1.41 7.53
C THR A 436 -30.99 -0.32 6.73
N ALA A 437 -29.96 -0.73 5.97
CA ALA A 437 -29.18 0.19 5.15
C ALA A 437 -30.01 0.89 4.08
N LYS A 438 -31.07 0.22 3.61
CA LYS A 438 -31.90 0.75 2.54
C LYS A 438 -33.29 1.19 3.01
N ASP A 439 -33.61 0.91 4.26
CA ASP A 439 -34.92 1.24 4.82
C ASP A 439 -34.96 2.62 5.46
N SER A 440 -36.08 3.31 5.23
CA SER A 440 -36.35 4.61 5.84
C SER A 440 -37.84 4.76 6.08
N ARG A 441 -38.60 3.70 5.77
CA ARG A 441 -40.05 3.79 5.71
C ARG A 441 -40.85 2.64 6.34
N THR A 442 -40.19 1.52 6.67
CA THR A 442 -40.90 0.44 7.37
C THR A 442 -41.15 0.79 8.84
N THR A 443 -42.24 0.27 9.38
CA THR A 443 -42.65 0.57 10.74
C THR A 443 -41.83 -0.21 11.76
N ALA A 444 -41.92 0.19 13.02
CA ALA A 444 -41.33 -0.54 14.15
C ALA A 444 -41.98 -1.91 14.28
N GLU A 445 -43.29 -1.96 14.08
CA GLU A 445 -44.07 -3.21 14.14
C GLU A 445 -43.51 -4.26 13.17
N THR A 446 -43.36 -3.86 11.91
CA THR A 446 -42.90 -4.76 10.85
C THR A 446 -41.45 -5.19 11.06
N PHE A 447 -40.59 -4.24 11.41
CA PHE A 447 -39.17 -4.51 11.65
C PHE A 447 -38.97 -5.56 12.74
N HIS A 448 -39.57 -5.32 13.90
CA HIS A 448 -39.44 -6.21 15.07
C HIS A 448 -39.86 -7.62 14.79
N ALA A 449 -40.93 -7.78 14.02
CA ALA A 449 -41.44 -9.09 13.64
C ALA A 449 -40.53 -9.78 12.62
N MET A 450 -39.91 -8.97 11.75
CA MET A 450 -38.98 -9.49 10.72
C MET A 450 -37.69 -10.01 11.34
N TYR A 451 -37.33 -9.46 12.49
CA TYR A 451 -36.10 -9.84 13.17
C TYR A 451 -36.40 -10.48 14.53
N PRO A 452 -36.52 -11.82 14.56
CA PRO A 452 -36.50 -12.48 15.86
C PRO A 452 -35.12 -12.32 16.47
N ARG A 453 -35.04 -12.27 17.79
CA ARG A 453 -33.81 -11.92 18.52
C ARG A 453 -33.56 -10.41 18.52
N VAL A 454 -34.60 -9.64 18.18
CA VAL A 454 -34.54 -8.19 18.27
C VAL A 454 -34.65 -7.77 19.74
N ASP A 455 -35.44 -8.51 20.50
CA ASP A 455 -35.59 -8.31 21.94
C ASP A 455 -34.30 -8.67 22.66
N GLU A 456 -33.72 -9.82 22.27
CA GLU A 456 -32.40 -10.24 22.74
C GLU A 456 -31.40 -9.12 22.55
N TRP A 457 -31.43 -8.52 21.37
CA TRP A 457 -30.51 -7.46 20.99
C TRP A 457 -30.69 -6.21 21.82
N ILE A 458 -31.94 -5.85 22.11
CA ILE A 458 -32.25 -4.66 22.90
C ILE A 458 -31.76 -4.79 24.35
N SER A 459 -31.93 -5.99 24.92
CA SER A 459 -31.49 -6.27 26.30
C SER A 459 -29.98 -6.11 26.49
N VAL A 460 -29.24 -6.23 25.38
CA VAL A 460 -27.80 -6.00 25.36
C VAL A 460 -27.50 -4.50 25.28
N ARG A 461 -28.31 -3.80 24.49
CA ARG A 461 -28.17 -2.35 24.32
C ARG A 461 -28.36 -1.53 25.60
N ARG A 462 -29.30 -1.96 26.45
CA ARG A 462 -29.60 -1.24 27.70
C ARG A 462 -28.48 -1.36 28.74
N LYS A 463 -27.68 -2.42 28.64
CA LYS A 463 -26.52 -2.61 29.51
C LYS A 463 -25.39 -1.64 29.15
N VAL A 464 -25.06 -1.59 27.85
CA VAL A 464 -23.95 -0.76 27.36
C VAL A 464 -24.32 0.73 27.30
N ASP A 465 -25.46 1.05 26.72
CA ASP A 465 -25.97 2.41 26.67
C ASP A 465 -27.33 2.50 27.36
N PRO A 466 -27.32 2.85 28.66
CA PRO A 466 -28.56 2.98 29.42
C PRO A 466 -29.08 4.40 29.51
N LEU A 467 -28.39 5.34 28.85
CA LEU A 467 -28.81 6.74 28.85
C LEU A 467 -29.41 7.20 27.52
N ARG A 468 -29.26 6.37 26.49
CA ARG A 468 -29.68 6.72 25.12
C ARG A 468 -28.90 7.90 24.54
N VAL A 469 -27.61 7.96 24.90
CA VAL A 469 -26.69 8.94 24.31
C VAL A 469 -26.25 8.48 22.92
N PHE A 470 -26.60 7.25 22.57
CA PHE A 470 -26.44 6.75 21.21
C PHE A 470 -27.80 6.51 20.59
N ALA A 471 -28.22 7.46 19.75
CA ALA A 471 -29.54 7.40 19.11
C ALA A 471 -29.54 8.11 17.77
N SER A 472 -30.03 7.41 16.75
CA SER A 472 -30.25 7.98 15.43
C SER A 472 -31.74 8.13 15.17
N ASP A 473 -32.11 8.67 14.01
CA ASP A 473 -33.51 8.81 13.64
C ASP A 473 -34.19 7.47 13.45
N MET A 474 -33.45 6.52 12.90
CA MET A 474 -33.94 5.16 12.66
C MET A 474 -34.28 4.44 13.97
N ALA A 475 -33.38 4.56 14.95
CA ALA A 475 -33.55 3.93 16.26
C ALA A 475 -34.83 4.38 16.96
N ARG A 476 -35.17 5.65 16.76
CA ARG A 476 -36.44 6.20 17.25
C ARG A 476 -37.62 5.68 16.42
N ARG A 477 -37.44 5.63 15.11
CA ARG A 477 -38.47 5.18 14.17
C ARG A 477 -38.81 3.70 14.33
N LEU A 478 -37.79 2.90 14.61
CA LEU A 478 -37.96 1.45 14.76
C LEU A 478 -38.01 1.02 16.23
N GLU A 479 -38.11 2.00 17.13
CA GLU A 479 -38.22 1.78 18.58
C GLU A 479 -37.16 0.79 19.11
N LEU A 480 -35.91 1.01 18.69
CA LEU A 480 -34.80 0.17 19.12
C LEU A 480 -34.06 0.81 20.31
N LEU A 481 -34.39 2.06 20.60
CA LEU A 481 -33.89 2.77 21.77
C LEU A 481 -34.08 1.95 23.05
N THR B 27 17.29 -26.60 -13.63
CA THR B 27 16.71 -25.55 -12.73
C THR B 27 17.62 -24.33 -12.59
N THR B 28 18.89 -24.51 -12.95
CA THR B 28 19.88 -23.42 -12.91
C THR B 28 20.43 -23.16 -14.30
N THR B 29 20.38 -21.89 -14.72
CA THR B 29 20.81 -21.50 -16.06
C THR B 29 22.09 -20.65 -16.03
N ALA B 30 23.09 -21.09 -16.78
CA ALA B 30 24.34 -20.34 -16.94
C ALA B 30 24.13 -19.15 -17.87
N THR B 31 24.55 -17.97 -17.43
CA THR B 31 24.28 -16.73 -18.17
C THR B 31 25.51 -15.83 -18.25
N ARG B 32 25.65 -15.14 -19.39
CA ARG B 32 26.69 -14.12 -19.55
C ARG B 32 26.32 -12.88 -18.74
N LEU B 33 26.91 -12.77 -17.55
CA LEU B 33 26.59 -11.70 -16.61
C LEU B 33 27.50 -10.48 -16.77
N THR B 34 26.88 -9.31 -16.80
CA THR B 34 27.59 -8.05 -16.98
C THR B 34 26.99 -6.99 -16.04
N GLY B 35 27.67 -5.85 -15.92
CA GLY B 35 27.15 -4.70 -15.16
C GLY B 35 26.02 -4.01 -15.90
N TRP B 36 25.54 -2.90 -15.35
CA TRP B 36 24.49 -2.11 -16.00
C TRP B 36 25.04 -1.27 -17.13
N GLY B 37 26.34 -1.00 -17.08
CA GLY B 37 27.03 -0.29 -18.15
C GLY B 37 27.68 -1.21 -19.17
N ARG B 38 27.39 -2.51 -19.03
CA ARG B 38 27.94 -3.58 -19.87
C ARG B 38 29.47 -3.61 -19.85
N THR B 39 30.03 -3.88 -18.67
CA THR B 39 31.48 -3.97 -18.50
C THR B 39 31.90 -5.24 -17.74
N ALA B 40 33.06 -5.78 -18.12
CA ALA B 40 33.61 -7.03 -17.57
C ALA B 40 32.62 -8.21 -17.58
N PRO B 41 32.23 -8.69 -18.78
CA PRO B 41 31.26 -9.77 -18.89
C PRO B 41 31.85 -11.11 -18.45
N SER B 42 31.13 -11.82 -17.58
CA SER B 42 31.59 -13.08 -17.02
C SER B 42 30.46 -14.10 -16.90
N VAL B 43 30.62 -15.23 -17.57
CA VAL B 43 29.59 -16.28 -17.61
C VAL B 43 29.57 -17.09 -16.31
N ALA B 44 28.40 -17.11 -15.68
CA ALA B 44 28.19 -17.83 -14.42
C ALA B 44 26.77 -18.37 -14.31
N ASN B 45 26.62 -19.46 -13.55
CA ASN B 45 25.31 -20.07 -13.31
C ASN B 45 24.45 -19.16 -12.43
N VAL B 46 23.18 -19.02 -12.82
CA VAL B 46 22.24 -18.16 -12.08
C VAL B 46 21.09 -18.97 -11.50
N LEU B 47 20.98 -18.96 -10.17
CA LEU B 47 19.86 -19.59 -9.48
C LEU B 47 18.76 -18.55 -9.25
N ARG B 48 17.65 -18.71 -9.97
CA ARG B 48 16.49 -17.84 -9.78
C ARG B 48 15.32 -18.62 -9.20
N THR B 49 15.30 -18.75 -7.88
CA THR B 49 14.21 -19.43 -7.17
C THR B 49 13.62 -18.53 -6.07
N PRO B 50 12.29 -18.49 -5.96
CA PRO B 50 11.63 -17.78 -4.86
C PRO B 50 11.64 -18.59 -3.57
N ASP B 51 12.09 -19.84 -3.66
CA ASP B 51 12.15 -20.75 -2.53
C ASP B 51 13.32 -20.38 -1.63
N ALA B 52 13.03 -20.11 -0.36
CA ALA B 52 14.03 -19.73 0.63
C ALA B 52 14.97 -20.88 0.99
N GLU B 53 14.43 -22.10 1.04
CA GLU B 53 15.21 -23.30 1.36
C GLU B 53 16.17 -23.71 0.25
N MET B 54 15.74 -23.53 -1.00
CA MET B 54 16.53 -23.92 -2.18
C MET B 54 17.81 -23.10 -2.29
N ILE B 55 17.74 -21.83 -1.88
CA ILE B 55 18.91 -20.96 -1.82
C ILE B 55 19.91 -21.48 -0.79
N VAL B 56 19.41 -21.87 0.38
CA VAL B 56 20.24 -22.40 1.46
C VAL B 56 20.85 -23.75 1.09
N LYS B 57 20.09 -24.58 0.36
CA LYS B 57 20.60 -25.85 -0.15
C LYS B 57 21.68 -25.65 -1.20
N ALA B 58 21.54 -24.60 -2.01
CA ALA B 58 22.51 -24.27 -3.05
C ALA B 58 23.70 -23.46 -2.52
N VAL B 59 23.63 -23.06 -1.25
CA VAL B 59 24.74 -22.33 -0.63
C VAL B 59 25.62 -23.25 0.23
N ALA B 60 24.99 -24.23 0.89
CA ALA B 60 25.70 -25.20 1.72
C ALA B 60 26.41 -26.24 0.85
N ARG B 61 26.02 -26.32 -0.42
CA ARG B 61 26.63 -27.24 -1.39
C ARG B 61 27.97 -26.72 -1.90
N VAL B 62 28.09 -25.41 -2.03
CA VAL B 62 29.32 -24.76 -2.51
C VAL B 62 30.40 -24.87 -1.43
N ALA B 63 29.96 -25.01 -0.19
CA ALA B 63 30.85 -25.33 0.93
C ALA B 63 31.45 -26.73 0.78
N GLU B 64 30.71 -27.63 0.13
CA GLU B 64 31.19 -28.99 -0.17
C GLU B 64 32.29 -28.98 -1.24
N SER B 65 32.06 -28.21 -2.31
CA SER B 65 33.09 -28.00 -3.33
C SER B 65 34.27 -27.23 -2.75
N GLY B 66 34.02 -26.48 -1.68
CA GLY B 66 35.07 -25.80 -0.92
C GLY B 66 35.24 -24.33 -1.25
N GLY B 67 34.82 -23.97 -2.46
CA GLY B 67 34.95 -22.60 -2.95
C GLY B 67 34.82 -22.57 -4.46
N GLY B 68 35.85 -23.06 -5.15
CA GLY B 68 35.91 -23.02 -6.61
C GLY B 68 36.02 -21.58 -7.06
N ARG B 69 34.89 -21.00 -7.43
CA ARG B 69 34.80 -19.55 -7.64
C ARG B 69 33.67 -18.92 -6.80
N GLY B 70 33.12 -19.73 -5.90
CA GLY B 70 32.15 -19.25 -4.91
C GLY B 70 30.82 -18.80 -5.47
N ALA B 71 30.08 -18.05 -4.66
CA ALA B 71 28.78 -17.52 -5.04
C ALA B 71 28.59 -16.10 -4.51
N ILE B 72 27.83 -15.30 -5.25
CA ILE B 72 27.46 -13.95 -4.81
C ILE B 72 25.96 -13.72 -4.98
N ALA B 73 25.40 -12.90 -4.11
CA ALA B 73 24.00 -12.49 -4.23
C ALA B 73 23.86 -11.42 -5.30
N ARG B 74 22.70 -11.39 -5.95
CA ARG B 74 22.43 -10.44 -7.02
C ARG B 74 21.01 -9.90 -6.92
N GLY B 75 20.85 -8.62 -7.23
CA GLY B 75 19.53 -7.98 -7.23
C GLY B 75 19.06 -7.68 -8.64
N LEU B 76 18.88 -6.40 -8.93
CA LEU B 76 18.42 -5.94 -10.24
C LEU B 76 19.57 -5.49 -11.14
N GLY B 77 20.80 -5.74 -10.69
CA GLY B 77 22.02 -5.44 -11.46
C GLY B 77 22.11 -4.00 -11.92
N ARG B 78 21.88 -3.07 -10.99
CA ARG B 78 21.91 -1.64 -11.30
C ARG B 78 23.30 -1.04 -11.18
N SER B 79 24.15 -1.65 -10.35
CA SER B 79 25.54 -1.27 -10.24
C SER B 79 26.23 -1.43 -11.59
N TYR B 80 27.01 -0.41 -11.98
CA TYR B 80 27.80 -0.47 -13.20
C TYR B 80 29.02 -1.36 -13.00
N GLY B 81 29.42 -1.53 -11.74
CA GLY B 81 30.56 -2.37 -11.39
C GLY B 81 30.27 -3.85 -11.48
N ASP B 82 31.33 -4.65 -11.38
CA ASP B 82 31.22 -6.11 -11.43
C ASP B 82 31.04 -6.73 -10.03
N ASN B 83 30.54 -5.91 -9.10
CA ASN B 83 30.28 -6.34 -7.73
C ASN B 83 29.14 -7.35 -7.63
N ALA B 84 28.23 -7.30 -8.60
CA ALA B 84 27.01 -8.10 -8.60
C ALA B 84 27.12 -9.37 -9.46
N GLN B 85 28.32 -9.65 -9.96
CA GLN B 85 28.53 -10.82 -10.81
C GLN B 85 29.84 -11.55 -10.55
N ASN B 86 29.78 -12.88 -10.69
CA ASN B 86 30.83 -13.79 -10.27
C ASN B 86 31.02 -14.91 -11.30
N GLY B 87 31.58 -14.53 -12.45
CA GLY B 87 31.79 -15.46 -13.56
C GLY B 87 32.72 -16.62 -13.21
N GLY B 88 32.29 -17.83 -13.59
CA GLY B 88 33.02 -19.05 -13.25
C GLY B 88 32.53 -19.68 -11.95
N GLY B 89 31.68 -18.95 -11.24
CA GLY B 89 31.06 -19.45 -10.01
C GLY B 89 29.55 -19.37 -10.08
N LEU B 90 28.91 -19.30 -8.91
CA LEU B 90 27.45 -19.22 -8.82
C LEU B 90 26.99 -17.79 -8.57
N VAL B 91 25.82 -17.46 -9.09
CA VAL B 91 25.19 -16.15 -8.87
C VAL B 91 23.72 -16.34 -8.53
N ILE B 92 23.34 -15.96 -7.30
CA ILE B 92 21.98 -16.16 -6.83
C ILE B 92 21.14 -14.89 -6.97
N ASP B 93 20.22 -14.90 -7.94
CA ASP B 93 19.32 -13.78 -8.17
C ASP B 93 18.23 -13.76 -7.10
N MET B 94 18.20 -12.69 -6.32
CA MET B 94 17.31 -12.57 -5.18
C MET B 94 15.95 -11.94 -5.51
N THR B 95 15.77 -11.59 -6.78
CA THR B 95 14.56 -10.90 -7.25
C THR B 95 13.23 -11.64 -6.95
N PRO B 96 13.14 -12.96 -7.25
CA PRO B 96 11.88 -13.68 -7.03
C PRO B 96 11.40 -13.69 -5.57
N LEU B 97 12.31 -13.44 -4.63
CA LEU B 97 11.97 -13.36 -3.22
C LEU B 97 11.67 -11.90 -2.84
N ASN B 98 10.42 -11.50 -3.05
CA ASN B 98 10.02 -10.09 -2.90
C ASN B 98 8.79 -9.87 -2.03
N THR B 99 8.64 -10.70 -1.00
CA THR B 99 7.48 -10.61 -0.11
C THR B 99 7.64 -9.47 0.89
N ILE B 100 6.66 -8.57 0.89
CA ILE B 100 6.54 -7.57 1.97
C ILE B 100 5.73 -8.23 3.08
N HIS B 101 6.37 -8.47 4.22
CA HIS B 101 5.75 -9.22 5.30
C HIS B 101 4.85 -8.36 6.16
N SER B 102 5.31 -7.17 6.51
CA SER B 102 4.49 -6.21 7.26
C SER B 102 4.94 -4.76 7.08
N ILE B 103 3.99 -3.84 7.14
CA ILE B 103 4.27 -2.41 7.26
C ILE B 103 3.52 -1.89 8.48
N ASP B 104 4.26 -1.28 9.41
CA ASP B 104 3.70 -0.79 10.65
C ASP B 104 3.83 0.73 10.74
N ALA B 105 2.70 1.42 10.73
CA ALA B 105 2.68 2.89 10.81
C ALA B 105 2.96 3.38 12.23
N ASP B 106 2.58 2.57 13.22
CA ASP B 106 2.75 2.92 14.64
C ASP B 106 4.23 2.92 15.04
N THR B 107 4.94 1.83 14.74
CA THR B 107 6.35 1.70 15.10
C THR B 107 7.29 2.29 14.05
N LYS B 108 6.74 2.63 12.89
CA LYS B 108 7.50 3.15 11.73
C LYS B 108 8.42 2.09 11.10
N LEU B 109 7.99 0.83 11.17
CA LEU B 109 8.83 -0.29 10.75
C LEU B 109 8.26 -1.07 9.57
N VAL B 110 9.14 -1.53 8.68
CA VAL B 110 8.76 -2.41 7.57
C VAL B 110 9.63 -3.68 7.52
N ASP B 111 8.98 -4.84 7.45
CA ASP B 111 9.68 -6.11 7.34
C ASP B 111 9.50 -6.66 5.92
N ILE B 112 10.62 -6.75 5.21
CA ILE B 112 10.60 -7.12 3.79
C ILE B 112 11.71 -8.11 3.44
N ASP B 113 11.51 -8.87 2.36
CA ASP B 113 12.53 -9.75 1.82
C ASP B 113 13.60 -8.93 1.10
N ALA B 114 14.74 -9.56 0.80
CA ALA B 114 15.88 -8.86 0.22
C ALA B 114 15.75 -8.61 -1.29
N GLY B 115 14.62 -9.00 -1.86
CA GLY B 115 14.38 -8.87 -3.29
C GLY B 115 13.33 -7.83 -3.68
N VAL B 116 12.55 -7.38 -2.69
CA VAL B 116 11.59 -6.29 -2.92
C VAL B 116 12.36 -5.02 -3.23
N ASN B 117 12.13 -4.46 -4.42
CA ASN B 117 12.79 -3.24 -4.84
C ASN B 117 12.20 -2.00 -4.16
N LEU B 118 12.91 -0.89 -4.22
CA LEU B 118 12.52 0.32 -3.50
C LEU B 118 11.30 1.04 -4.08
N ASP B 119 11.04 0.81 -5.37
CA ASP B 119 9.84 1.31 -6.03
C ASP B 119 8.61 0.61 -5.49
N GLN B 120 8.74 -0.70 -5.24
CA GLN B 120 7.68 -1.53 -4.67
C GLN B 120 7.39 -1.13 -3.21
N LEU B 121 8.45 -0.94 -2.43
CA LEU B 121 8.33 -0.58 -1.01
C LEU B 121 7.76 0.82 -0.82
N MET B 122 8.13 1.74 -1.71
CA MET B 122 7.65 3.11 -1.67
C MET B 122 6.13 3.18 -1.88
N LYS B 123 5.64 2.41 -2.85
CA LYS B 123 4.22 2.41 -3.20
C LYS B 123 3.37 1.78 -2.10
N ALA B 124 3.91 0.76 -1.45
CA ALA B 124 3.19 0.04 -0.40
C ALA B 124 3.10 0.82 0.91
N ALA B 125 4.11 1.64 1.18
CA ALA B 125 4.22 2.33 2.47
C ALA B 125 3.60 3.73 2.53
N LEU B 126 3.25 4.29 1.39
CA LEU B 126 2.65 5.64 1.32
C LEU B 126 1.32 5.79 2.07
N PRO B 127 0.36 4.85 1.89
CA PRO B 127 -0.93 5.00 2.60
C PRO B 127 -0.82 4.82 4.12
N PHE B 128 0.37 4.45 4.60
CA PHE B 128 0.63 4.32 6.03
C PHE B 128 1.18 5.62 6.58
N GLY B 129 1.44 6.58 5.70
CA GLY B 129 2.11 7.83 6.07
C GLY B 129 3.60 7.63 6.21
N LEU B 130 4.12 6.59 5.57
CA LEU B 130 5.54 6.23 5.69
C LEU B 130 6.30 6.44 4.38
N TRP B 131 7.54 6.91 4.51
CA TRP B 131 8.37 7.27 3.38
C TRP B 131 9.69 6.56 3.46
N VAL B 132 10.12 5.99 2.33
CA VAL B 132 11.40 5.28 2.25
C VAL B 132 12.55 6.23 2.60
N PRO B 133 13.24 5.95 3.73
CA PRO B 133 14.21 6.86 4.35
C PRO B 133 15.30 7.41 3.41
N VAL B 134 15.83 6.56 2.53
CA VAL B 134 16.86 6.96 1.58
C VAL B 134 16.59 6.37 0.21
N LEU B 135 16.50 7.23 -0.80
CA LEU B 135 16.25 6.82 -2.17
C LEU B 135 17.36 7.27 -3.12
N PRO B 136 17.74 6.41 -4.07
CA PRO B 136 18.77 6.73 -5.03
C PRO B 136 18.18 7.26 -6.34
N GLY B 137 19.04 7.58 -7.30
CA GLY B 137 18.63 8.04 -8.63
C GLY B 137 17.50 7.22 -9.23
N THR B 138 17.60 5.90 -9.08
CA THR B 138 16.51 5.00 -9.48
C THR B 138 15.97 4.21 -8.28
N ARG B 139 14.65 4.05 -8.25
CA ARG B 139 13.98 3.27 -7.21
C ARG B 139 14.06 1.78 -7.56
N GLN B 140 14.49 1.49 -8.79
CA GLN B 140 14.55 0.13 -9.29
C GLN B 140 15.81 -0.60 -8.80
N VAL B 141 15.97 -0.61 -7.48
CA VAL B 141 17.06 -1.34 -6.80
C VAL B 141 16.49 -2.15 -5.64
N THR B 142 17.08 -3.31 -5.36
CA THR B 142 16.62 -4.17 -4.27
C THR B 142 17.03 -3.63 -2.90
N VAL B 143 16.37 -4.11 -1.85
CA VAL B 143 16.74 -3.79 -0.47
C VAL B 143 18.13 -4.33 -0.14
N GLY B 144 18.38 -5.58 -0.51
CA GLY B 144 19.70 -6.19 -0.34
C GLY B 144 20.78 -5.38 -1.03
N GLY B 145 20.52 -5.02 -2.29
CA GLY B 145 21.43 -4.19 -3.06
C GLY B 145 21.67 -2.84 -2.41
N ALA B 146 20.60 -2.27 -1.85
CA ALA B 146 20.65 -1.00 -1.14
C ALA B 146 21.56 -1.06 0.08
N ILE B 147 21.48 -2.17 0.83
CA ILE B 147 22.30 -2.35 2.04
C ILE B 147 23.75 -2.71 1.69
N ALA B 148 23.92 -3.56 0.66
CA ALA B 148 25.25 -4.05 0.28
C ALA B 148 26.17 -2.99 -0.33
N CYS B 149 25.58 -1.93 -0.87
CA CYS B 149 26.36 -0.79 -1.36
C CYS B 149 26.23 0.39 -0.41
N ASP B 150 25.28 0.29 0.52
CA ASP B 150 24.92 1.36 1.45
C ASP B 150 24.63 2.64 0.64
N ILE B 151 23.50 2.63 -0.05
CA ILE B 151 23.17 3.67 -1.02
C ILE B 151 22.85 5.02 -0.39
N HIS B 152 23.27 6.08 -1.09
CA HIS B 152 23.09 7.43 -0.63
C HIS B 152 22.22 8.19 -1.59
N GLY B 153 21.53 9.21 -1.08
CA GLY B 153 20.66 10.03 -1.92
C GLY B 153 20.89 11.52 -1.71
N LYS B 154 19.88 12.30 -2.06
CA LYS B 154 19.92 13.75 -1.97
C LYS B 154 19.79 14.25 -0.53
N ASN B 155 19.37 13.36 0.36
CA ASN B 155 19.12 13.70 1.75
C ASN B 155 20.20 13.20 2.71
N HIS B 156 21.39 12.94 2.19
CA HIS B 156 22.49 12.36 2.97
C HIS B 156 22.95 13.24 4.11
N HIS B 157 23.01 14.55 3.87
CA HIS B 157 23.48 15.49 4.89
C HIS B 157 22.60 15.55 6.11
N SER B 158 21.34 15.14 5.95
CA SER B 158 20.37 15.14 7.05
C SER B 158 20.01 13.75 7.55
N ALA B 159 19.92 12.79 6.62
CA ALA B 159 19.45 11.44 6.96
C ALA B 159 20.54 10.37 6.84
N GLY B 160 21.65 10.69 6.21
CA GLY B 160 22.75 9.74 6.04
C GLY B 160 22.44 8.71 4.98
N SER B 161 23.05 7.54 5.11
CA SER B 161 22.87 6.47 4.12
C SER B 161 21.88 5.41 4.55
N PHE B 162 21.64 4.43 3.68
CA PHE B 162 20.61 3.41 3.87
C PHE B 162 20.81 2.56 5.12
N GLY B 163 22.06 2.31 5.49
CA GLY B 163 22.40 1.53 6.69
C GLY B 163 22.00 2.19 8.00
N ASN B 164 22.02 3.52 8.01
CA ASN B 164 21.62 4.30 9.19
C ASN B 164 20.17 4.06 9.60
N HIS B 165 19.41 3.42 8.71
CA HIS B 165 17.96 3.23 8.91
C HIS B 165 17.55 1.79 8.99
N VAL B 166 18.50 0.87 8.84
CA VAL B 166 18.21 -0.56 8.98
C VAL B 166 18.24 -0.95 10.46
N ARG B 167 17.11 -1.42 10.97
CA ARG B 167 17.00 -1.80 12.38
C ARG B 167 17.40 -3.25 12.65
N SER B 168 17.31 -4.09 11.61
CA SER B 168 17.75 -5.49 11.69
C SER B 168 17.88 -6.16 10.32
N MET B 169 18.75 -7.17 10.27
CA MET B 169 18.98 -7.95 9.06
C MET B 169 18.96 -9.45 9.35
N ASP B 170 18.53 -10.22 8.36
CA ASP B 170 18.61 -11.68 8.40
C ASP B 170 19.60 -12.15 7.34
N LEU B 171 20.84 -12.38 7.76
CA LEU B 171 21.93 -12.72 6.85
C LEU B 171 22.22 -14.22 6.84
N LEU B 172 22.17 -14.81 5.65
CA LEU B 172 22.56 -16.19 5.46
C LEU B 172 24.07 -16.27 5.31
N THR B 173 24.73 -16.90 6.29
CA THR B 173 26.18 -16.99 6.31
C THR B 173 26.70 -18.24 5.57
N ALA B 174 28.02 -18.38 5.51
CA ALA B 174 28.68 -19.44 4.72
C ALA B 174 28.30 -20.86 5.12
N ASP B 175 28.15 -21.09 6.42
CA ASP B 175 27.86 -22.41 6.97
C ASP B 175 26.40 -22.87 6.77
N GLY B 176 25.57 -21.97 6.24
CA GLY B 176 24.15 -22.27 6.01
C GLY B 176 23.27 -21.91 7.19
N GLU B 177 23.71 -20.91 7.96
CA GLU B 177 22.97 -20.44 9.13
C GLU B 177 22.57 -18.98 8.99
N ILE B 178 21.29 -18.70 9.20
CA ILE B 178 20.76 -17.33 9.12
C ILE B 178 20.95 -16.61 10.46
N ARG B 179 21.47 -15.38 10.39
CA ARG B 179 21.74 -14.59 11.59
C ARG B 179 20.89 -13.32 11.67
N HIS B 180 20.18 -13.16 12.79
CA HIS B 180 19.44 -11.93 13.05
C HIS B 180 20.38 -10.90 13.61
N LEU B 181 20.75 -9.95 12.75
CA LEU B 181 21.77 -8.95 13.08
C LEU B 181 21.16 -7.58 13.40
N THR B 182 21.82 -6.84 14.28
CA THR B 182 21.38 -5.50 14.67
C THR B 182 22.57 -4.53 14.71
N PRO B 183 22.32 -3.22 14.55
CA PRO B 183 23.40 -2.23 14.56
C PRO B 183 24.09 -2.12 15.92
N THR B 184 23.40 -2.52 16.97
CA THR B 184 23.91 -2.45 18.34
C THR B 184 23.90 -3.82 18.99
N GLY B 185 24.58 -3.93 20.13
CA GLY B 185 24.73 -5.19 20.83
C GLY B 185 25.80 -6.06 20.18
N GLU B 186 25.61 -7.37 20.27
CA GLU B 186 26.56 -8.33 19.69
C GLU B 186 26.29 -8.46 18.19
N ASP B 187 27.28 -8.98 17.46
CA ASP B 187 27.20 -9.16 16.00
C ASP B 187 27.02 -7.85 15.23
N ALA B 188 27.12 -6.72 15.93
CA ALA B 188 27.08 -5.39 15.33
C ALA B 188 28.27 -5.17 14.39
N GLU B 189 29.35 -5.89 14.66
CA GLU B 189 30.55 -5.85 13.83
C GLU B 189 30.28 -6.44 12.44
N LEU B 190 29.64 -7.61 12.42
CA LEU B 190 29.26 -8.28 11.17
C LEU B 190 28.15 -7.53 10.44
N PHE B 191 27.28 -6.88 11.23
CA PHE B 191 26.22 -6.04 10.71
C PHE B 191 26.79 -4.91 9.87
N TRP B 192 27.66 -4.11 10.48
CA TRP B 192 28.26 -2.96 9.82
C TRP B 192 29.27 -3.34 8.78
N ALA B 193 29.61 -4.63 8.71
CA ALA B 193 30.45 -5.16 7.65
C ALA B 193 29.60 -5.54 6.43
N THR B 194 28.34 -5.90 6.70
CA THR B 194 27.37 -6.21 5.65
C THR B 194 26.92 -4.92 4.97
N VAL B 195 26.58 -3.92 5.77
CA VAL B 195 26.24 -2.59 5.27
C VAL B 195 27.43 -2.08 4.46
N GLY B 196 27.19 -1.86 3.17
CA GLY B 196 28.24 -1.45 2.23
C GLY B 196 29.30 -2.52 2.00
N GLY B 197 28.90 -3.78 2.08
CA GLY B 197 29.83 -4.91 2.01
C GLY B 197 29.80 -5.71 0.73
N ASN B 198 29.11 -5.20 -0.28
CA ASN B 198 29.06 -5.81 -1.62
C ASN B 198 28.71 -7.31 -1.68
N GLY B 199 27.94 -7.76 -0.70
CA GLY B 199 27.49 -9.15 -0.63
C GLY B 199 28.54 -10.15 -0.17
N LEU B 200 29.61 -9.64 0.46
CA LEU B 200 30.74 -10.49 0.85
C LEU B 200 30.68 -11.02 2.29
N THR B 201 29.68 -10.58 3.05
CA THR B 201 29.39 -11.14 4.37
C THR B 201 28.48 -12.36 4.22
N GLY B 202 27.85 -12.46 3.05
CA GLY B 202 26.89 -13.51 2.77
C GLY B 202 25.68 -12.93 2.06
N ILE B 203 24.54 -13.60 2.23
CA ILE B 203 23.32 -13.20 1.56
C ILE B 203 22.29 -12.71 2.57
N ILE B 204 21.90 -11.44 2.43
CA ILE B 204 20.77 -10.88 3.16
C ILE B 204 19.52 -11.57 2.64
N MET B 205 18.72 -12.12 3.54
CA MET B 205 17.49 -12.82 3.19
C MET B 205 16.27 -11.96 3.48
N ARG B 206 16.38 -11.13 4.51
CA ARG B 206 15.25 -10.39 5.05
C ARG B 206 15.78 -9.21 5.87
N ALA B 207 15.03 -8.10 5.89
CA ALA B 207 15.44 -6.90 6.59
C ALA B 207 14.27 -6.17 7.24
N THR B 208 14.58 -5.39 8.27
CA THR B 208 13.59 -4.53 8.91
C THR B 208 14.10 -3.09 8.88
N ILE B 209 13.29 -2.20 8.30
CA ILE B 209 13.71 -0.81 8.03
C ILE B 209 12.84 0.19 8.79
N GLU B 210 13.50 1.15 9.43
CA GLU B 210 12.81 2.27 10.06
C GLU B 210 12.49 3.32 8.99
N MET B 211 11.21 3.65 8.87
CA MET B 211 10.73 4.52 7.80
C MET B 211 10.55 5.96 8.26
N THR B 212 10.89 6.90 7.38
CA THR B 212 10.72 8.32 7.66
C THR B 212 9.24 8.71 7.61
N PRO B 213 8.69 9.24 8.72
CA PRO B 213 7.30 9.65 8.76
C PRO B 213 7.00 10.82 7.82
N THR B 214 5.77 10.86 7.30
CA THR B 214 5.33 11.94 6.42
C THR B 214 3.81 12.04 6.43
N SER B 215 3.30 13.26 6.36
CA SER B 215 1.86 13.47 6.31
C SER B 215 1.35 13.64 4.88
N THR B 216 2.27 13.92 3.95
CA THR B 216 1.91 14.13 2.55
C THR B 216 2.80 13.33 1.59
N ALA B 217 2.35 13.23 0.34
CA ALA B 217 3.12 12.58 -0.72
C ALA B 217 3.79 13.61 -1.63
N TYR B 218 4.05 14.79 -1.08
CA TYR B 218 4.56 15.93 -1.85
C TYR B 218 5.77 16.61 -1.20
N PHE B 219 6.51 17.34 -2.02
CA PHE B 219 7.70 18.07 -1.58
C PHE B 219 7.48 19.57 -1.71
N ILE B 220 8.07 20.34 -0.79
CA ILE B 220 8.18 21.78 -0.94
C ILE B 220 9.62 22.07 -1.37
N ALA B 221 9.78 22.60 -2.58
CA ALA B 221 11.11 22.77 -3.17
C ALA B 221 11.49 24.22 -3.44
N ASP B 222 12.80 24.50 -3.35
CA ASP B 222 13.36 25.80 -3.68
C ASP B 222 14.47 25.65 -4.73
N GLY B 223 14.44 26.54 -5.72
CA GLY B 223 15.41 26.50 -6.81
C GLY B 223 16.27 27.75 -6.87
N ASP B 224 17.58 27.53 -6.95
CA ASP B 224 18.56 28.62 -7.05
C ASP B 224 19.58 28.30 -8.14
N VAL B 225 19.89 29.30 -8.97
CA VAL B 225 20.88 29.13 -10.01
C VAL B 225 22.11 30.01 -9.75
N THR B 226 23.23 29.36 -9.49
CA THR B 226 24.51 30.05 -9.28
C THR B 226 25.15 30.40 -10.63
N ALA B 227 26.13 31.30 -10.60
CA ALA B 227 26.82 31.75 -11.82
C ALA B 227 28.26 31.25 -11.94
N SER B 228 28.80 30.75 -10.83
CA SER B 228 30.18 30.27 -10.79
C SER B 228 30.35 29.11 -9.81
N LEU B 229 31.49 28.43 -9.89
CA LEU B 229 31.85 27.39 -8.93
C LEU B 229 31.97 27.98 -7.53
N ASP B 230 32.61 29.14 -7.43
CA ASP B 230 32.75 29.86 -6.18
C ASP B 230 31.40 30.12 -5.52
N GLU B 231 30.40 30.46 -6.34
CA GLU B 231 29.03 30.66 -5.88
C GLU B 231 28.38 29.37 -5.41
N THR B 232 28.70 28.26 -6.09
CA THR B 232 28.13 26.96 -5.75
C THR B 232 28.69 26.44 -4.43
N ILE B 233 30.00 26.59 -4.24
CA ILE B 233 30.63 26.28 -2.96
C ILE B 233 30.03 27.15 -1.86
N ALA B 234 29.98 28.45 -2.10
CA ALA B 234 29.48 29.44 -1.16
C ALA B 234 28.07 29.13 -0.66
N LEU B 235 27.20 28.71 -1.57
CA LEU B 235 25.80 28.41 -1.27
C LEU B 235 25.65 27.16 -0.40
N HIS B 236 26.64 26.29 -0.45
CA HIS B 236 26.66 25.07 0.37
C HIS B 236 27.44 25.27 1.64
N SER B 237 28.19 26.36 1.70
CA SER B 237 29.02 26.69 2.85
C SER B 237 28.32 27.63 3.84
N ASP B 238 27.47 28.52 3.31
CA ASP B 238 26.86 29.59 4.10
C ASP B 238 25.93 29.15 5.23
N GLY B 239 25.43 27.92 5.17
CA GLY B 239 24.59 27.37 6.23
C GLY B 239 23.14 27.18 5.85
N SER B 240 22.77 27.59 4.64
CA SER B 240 21.40 27.47 4.15
C SER B 240 20.96 26.02 3.97
N GLU B 241 21.95 25.11 3.94
CA GLU B 241 21.70 23.67 3.85
C GLU B 241 20.92 23.14 5.05
N ALA B 242 21.24 23.66 6.24
CA ALA B 242 20.63 23.22 7.50
C ALA B 242 19.10 23.34 7.53
N ARG B 243 18.55 24.14 6.62
CA ARG B 243 17.11 24.34 6.51
C ARG B 243 16.47 23.33 5.55
N TYR B 244 17.29 22.65 4.76
CA TYR B 244 16.78 21.70 3.76
C TYR B 244 17.14 20.25 4.06
N THR B 245 16.14 19.37 3.92
CA THR B 245 16.32 17.94 4.11
C THR B 245 17.00 17.32 2.89
N TYR B 246 16.55 17.74 1.70
CA TYR B 246 17.06 17.22 0.43
C TYR B 246 17.81 18.30 -0.35
N SER B 247 18.96 17.93 -0.93
CA SER B 247 19.78 18.86 -1.71
C SER B 247 20.64 18.17 -2.77
N SER B 248 20.52 18.65 -4.00
CA SER B 248 21.42 18.28 -5.12
C SER B 248 21.33 19.33 -6.23
N ALA B 249 22.33 19.35 -7.11
CA ALA B 249 22.40 20.37 -8.15
C ALA B 249 22.82 19.81 -9.50
N TRP B 250 22.15 20.27 -10.56
CA TRP B 250 22.61 20.05 -11.93
C TRP B 250 23.77 20.96 -12.19
N PHE B 251 24.89 20.36 -12.57
CA PHE B 251 26.19 21.02 -12.53
C PHE B 251 26.83 21.11 -13.92
N ASP B 252 27.53 22.22 -14.17
CA ASP B 252 28.18 22.46 -15.46
C ASP B 252 29.70 22.26 -15.37
N ALA B 253 30.22 21.50 -16.34
CA ALA B 253 31.66 21.20 -16.39
C ALA B 253 32.24 21.28 -17.81
N ILE B 254 31.58 22.06 -18.67
CA ILE B 254 32.02 22.23 -20.06
C ILE B 254 32.52 23.66 -20.33
N SER B 255 31.83 24.65 -19.76
CA SER B 255 32.17 26.06 -19.95
C SER B 255 33.43 26.46 -19.20
N ALA B 256 34.14 27.46 -19.72
CA ALA B 256 35.37 27.97 -19.10
C ALA B 256 35.09 28.78 -17.84
N PRO B 257 36.08 28.89 -16.93
CA PRO B 257 35.95 29.78 -15.77
C PRO B 257 35.69 31.23 -16.17
N PRO B 258 34.92 31.98 -15.34
CA PRO B 258 34.31 31.55 -14.07
C PRO B 258 32.98 30.80 -14.23
N LYS B 259 32.50 30.66 -15.47
CA LYS B 259 31.25 29.96 -15.75
C LYS B 259 31.30 28.49 -15.35
N LEU B 260 32.50 27.91 -15.33
CA LEU B 260 32.72 26.55 -14.85
C LEU B 260 32.31 26.43 -13.40
N GLY B 261 31.33 25.56 -13.14
CA GLY B 261 30.86 25.31 -11.79
C GLY B 261 29.52 25.95 -11.45
N ARG B 262 28.90 26.60 -12.43
CA ARG B 262 27.56 27.15 -12.24
C ARG B 262 26.53 26.02 -12.18
N ALA B 263 25.66 26.08 -11.17
CA ALA B 263 24.74 24.99 -10.92
C ALA B 263 23.29 25.44 -10.73
N ALA B 264 22.36 24.59 -11.15
CA ALA B 264 20.94 24.79 -10.89
C ALA B 264 20.56 24.00 -9.64
N VAL B 265 20.78 24.64 -8.48
CA VAL B 265 20.58 24.00 -7.18
C VAL B 265 19.10 23.79 -6.88
N SER B 266 18.74 22.54 -6.59
CA SER B 266 17.37 22.18 -6.23
C SER B 266 17.33 21.54 -4.85
N ARG B 267 16.73 22.25 -3.89
CA ARG B 267 16.68 21.83 -2.50
C ARG B 267 15.27 21.95 -1.93
N GLY B 268 14.90 21.01 -1.06
CA GLY B 268 13.58 21.03 -0.44
C GLY B 268 13.41 20.07 0.72
N ARG B 269 12.15 19.90 1.14
CA ARG B 269 11.80 18.96 2.21
C ARG B 269 10.36 18.47 2.07
N LEU B 270 10.05 17.36 2.75
CA LEU B 270 8.72 16.75 2.71
C LEU B 270 7.64 17.70 3.22
N ALA B 271 6.57 17.86 2.45
CA ALA B 271 5.50 18.79 2.78
C ALA B 271 4.61 18.30 3.93
N THR B 272 4.04 19.25 4.65
CA THR B 272 3.00 18.97 5.64
C THR B 272 1.67 19.41 5.03
N VAL B 273 0.56 18.92 5.58
CA VAL B 273 -0.78 19.26 5.07
C VAL B 273 -1.02 20.78 4.98
N GLU B 274 -0.49 21.50 5.95
CA GLU B 274 -0.59 22.96 6.00
C GLU B 274 0.14 23.62 4.83
N GLN B 275 1.27 23.04 4.44
CA GLN B 275 2.07 23.54 3.32
C GLN B 275 1.42 23.26 1.96
N LEU B 276 0.55 22.25 1.93
CA LEU B 276 -0.18 21.88 0.71
C LEU B 276 -1.19 22.95 0.30
N PRO B 277 -1.46 23.06 -1.01
CA PRO B 277 -2.55 23.92 -1.50
C PRO B 277 -3.91 23.44 -0.98
N ALA B 278 -4.83 24.39 -0.81
CA ALA B 278 -6.14 24.15 -0.19
C ALA B 278 -6.86 22.85 -0.59
N LYS B 279 -6.79 22.51 -1.88
CA LYS B 279 -7.52 21.36 -2.41
C LYS B 279 -6.94 19.99 -2.02
N LEU B 280 -5.61 19.88 -2.05
CA LEU B 280 -4.92 18.59 -1.88
C LEU B 280 -4.95 18.01 -0.47
N ARG B 281 -5.66 18.67 0.44
CA ARG B 281 -5.74 18.25 1.83
C ARG B 281 -6.67 17.04 2.06
N SER B 282 -7.34 16.60 1.00
CA SER B 282 -8.22 15.43 1.05
C SER B 282 -7.48 14.13 0.68
N GLU B 283 -6.56 14.23 -0.29
CA GLU B 283 -5.72 13.11 -0.71
C GLU B 283 -4.25 13.42 -0.45
N PRO B 284 -3.84 13.52 0.84
CA PRO B 284 -2.47 13.96 1.12
C PRO B 284 -1.43 12.90 0.76
N LEU B 285 -1.76 11.62 1.00
CA LEU B 285 -0.83 10.52 0.85
C LEU B 285 -0.97 9.76 -0.47
N LYS B 286 -1.95 10.14 -1.28
CA LYS B 286 -2.20 9.44 -2.55
C LYS B 286 -1.33 10.00 -3.67
N PHE B 287 -0.64 9.09 -4.37
CA PHE B 287 0.39 9.45 -5.34
C PHE B 287 0.45 8.44 -6.49
N ASP B 288 0.73 8.94 -7.69
CA ASP B 288 0.97 8.08 -8.85
C ASP B 288 2.36 8.34 -9.44
N PRO B 311 23.68 34.00 -24.23
CA PRO B 311 22.54 34.22 -25.12
C PRO B 311 21.21 34.31 -24.35
N ILE B 312 20.10 34.13 -25.07
CA ILE B 312 18.76 34.09 -24.47
C ILE B 312 18.56 32.80 -23.68
N GLY B 313 19.25 31.74 -24.11
CA GLY B 313 19.18 30.42 -23.48
C GLY B 313 19.59 30.38 -22.03
N GLU B 314 20.70 31.05 -21.71
CA GLU B 314 21.23 31.11 -20.36
C GLU B 314 20.31 31.84 -19.39
N LEU B 315 19.66 32.89 -19.88
CA LEU B 315 18.77 33.72 -19.06
C LEU B 315 17.48 32.99 -18.70
N TRP B 316 16.98 32.19 -19.64
CA TRP B 316 15.80 31.35 -19.43
C TRP B 316 16.11 30.20 -18.51
N TYR B 317 17.30 29.63 -18.68
CA TYR B 317 17.82 28.56 -17.82
C TYR B 317 17.86 28.98 -16.35
N ARG B 318 18.15 30.26 -16.12
CA ARG B 318 18.18 30.83 -14.78
C ARG B 318 16.77 31.11 -14.26
N LYS B 319 15.88 31.51 -15.17
CA LYS B 319 14.49 31.82 -14.83
C LYS B 319 13.73 30.55 -14.44
N SER B 320 13.89 29.51 -15.24
CA SER B 320 13.25 28.22 -15.00
C SER B 320 13.86 27.47 -13.83
N GLY B 321 15.13 27.77 -13.54
CA GLY B 321 15.83 27.13 -12.42
C GLY B 321 15.61 27.80 -11.07
N THR B 322 14.95 28.95 -11.07
CA THR B 322 14.67 29.71 -9.84
C THR B 322 13.18 29.66 -9.46
N TYR B 323 12.91 29.23 -8.23
CA TYR B 323 11.53 29.08 -7.73
C TYR B 323 11.48 28.94 -6.20
N ARG B 324 10.39 29.42 -5.61
CA ARG B 324 10.16 29.30 -4.16
C ARG B 324 8.83 28.60 -3.82
N GLY B 325 8.90 27.66 -2.89
CA GLY B 325 7.73 26.94 -2.39
C GLY B 325 6.96 26.13 -3.43
N LYS B 326 7.70 25.47 -4.33
CA LYS B 326 7.08 24.68 -5.39
C LYS B 326 6.71 23.28 -4.90
N VAL B 327 5.40 23.00 -4.91
CA VAL B 327 4.87 21.72 -4.44
C VAL B 327 4.86 20.70 -5.57
N GLN B 328 5.55 19.58 -5.35
CA GLN B 328 5.69 18.52 -6.36
C GLN B 328 5.69 17.14 -5.71
N ASN B 329 5.07 16.18 -6.39
CA ASN B 329 5.20 14.76 -6.01
C ASN B 329 6.56 14.20 -6.47
N LEU B 330 6.81 12.92 -6.19
CA LEU B 330 8.13 12.33 -6.45
C LEU B 330 8.53 12.27 -7.94
N THR B 331 7.55 12.03 -8.80
CA THR B 331 7.76 11.96 -10.25
C THR B 331 8.55 13.16 -10.79
N GLN B 332 8.31 14.32 -10.17
CA GLN B 332 8.93 15.59 -10.59
C GLN B 332 10.24 15.89 -9.87
N PHE B 333 10.37 15.41 -8.64
CA PHE B 333 11.51 15.72 -7.78
C PHE B 333 12.76 14.94 -8.15
N GLY B 351 27.91 2.98 -24.47
CA GLY B 351 28.87 4.00 -24.90
C GLY B 351 29.01 5.15 -23.92
N PHE B 352 28.67 4.90 -22.67
CA PHE B 352 28.76 5.90 -21.60
C PHE B 352 29.45 5.33 -20.37
N LEU B 353 30.61 5.91 -20.03
CA LEU B 353 31.32 5.58 -18.80
C LEU B 353 30.65 6.31 -17.64
N GLN B 354 30.68 5.72 -16.43
CA GLN B 354 30.00 6.29 -15.27
C GLN B 354 30.96 6.51 -14.11
N TYR B 355 31.25 7.78 -13.83
CA TYR B 355 32.28 8.16 -12.86
C TYR B 355 31.69 8.89 -11.66
N GLN B 356 32.21 8.60 -10.47
CA GLN B 356 31.76 9.24 -9.23
C GLN B 356 32.86 9.27 -8.17
N PHE B 357 32.99 10.40 -7.48
CA PHE B 357 33.99 10.56 -6.42
C PHE B 357 33.54 11.54 -5.33
N VAL B 358 34.21 11.47 -4.18
CA VAL B 358 33.97 12.39 -3.06
C VAL B 358 35.29 12.99 -2.56
N ILE B 359 35.29 14.30 -2.35
CA ILE B 359 36.44 15.00 -1.79
C ILE B 359 36.03 15.56 -0.43
N PRO B 360 36.86 15.37 0.62
CA PRO B 360 36.53 15.91 1.94
C PRO B 360 36.26 17.41 1.92
N THR B 361 35.41 17.88 2.84
CA THR B 361 34.95 19.27 2.89
C THR B 361 36.10 20.29 2.88
N GLU B 362 37.14 20.01 3.65
CA GLU B 362 38.28 20.92 3.80
C GLU B 362 39.11 21.09 2.53
N ALA B 363 39.22 20.02 1.74
CA ALA B 363 40.02 20.06 0.51
C ALA B 363 39.28 20.71 -0.64
N VAL B 364 38.72 21.89 -0.39
CA VAL B 364 37.91 22.64 -1.36
C VAL B 364 38.73 23.13 -2.55
N ASP B 365 39.88 23.77 -2.28
CA ASP B 365 40.78 24.25 -3.33
C ASP B 365 41.19 23.10 -4.26
N GLU B 366 41.35 21.92 -3.67
CA GLU B 366 41.75 20.72 -4.39
C GLU B 366 40.61 20.17 -5.24
N PHE B 367 39.39 20.27 -4.71
CA PHE B 367 38.19 19.87 -5.44
C PHE B 367 37.96 20.77 -6.66
N LYS B 368 38.17 22.07 -6.46
CA LYS B 368 38.07 23.07 -7.52
C LYS B 368 39.08 22.79 -8.63
N LYS B 369 40.27 22.36 -8.23
CA LYS B 369 41.34 22.02 -9.16
C LYS B 369 40.99 20.82 -10.02
N ILE B 370 40.32 19.84 -9.42
CA ILE B 370 39.85 18.65 -10.14
C ILE B 370 38.75 19.02 -11.12
N ILE B 371 37.78 19.81 -10.67
CA ILE B 371 36.72 20.33 -11.53
C ILE B 371 37.34 21.05 -12.74
N GLY B 372 38.35 21.88 -12.47
CA GLY B 372 39.11 22.56 -13.52
C GLY B 372 39.80 21.61 -14.48
N VAL B 373 40.26 20.48 -13.96
CA VAL B 373 40.95 19.49 -14.78
C VAL B 373 39.99 18.64 -15.62
N ILE B 374 38.74 18.52 -15.16
CA ILE B 374 37.69 17.85 -15.94
C ILE B 374 37.42 18.66 -17.20
N GLN B 375 37.42 19.98 -17.04
CA GLN B 375 37.23 20.91 -18.15
C GLN B 375 38.37 20.84 -19.17
N ALA B 376 39.61 20.92 -18.67
CA ALA B 376 40.80 20.98 -19.53
C ALA B 376 41.14 19.64 -20.21
N SER B 377 40.33 18.62 -19.96
CA SER B 377 40.57 17.28 -20.50
C SER B 377 40.25 17.18 -21.98
N GLY B 378 39.13 17.76 -22.40
CA GLY B 378 38.65 17.63 -23.77
C GLY B 378 37.52 16.62 -23.89
N HIS B 379 37.15 16.03 -22.75
CA HIS B 379 36.03 15.10 -22.68
C HIS B 379 34.82 15.81 -22.15
N TYR B 380 33.77 15.89 -22.98
CA TYR B 380 32.55 16.60 -22.60
C TYR B 380 31.69 15.75 -21.69
N SER B 381 30.98 16.41 -20.76
CA SER B 381 29.99 15.74 -19.92
C SER B 381 28.79 16.65 -19.65
N PHE B 382 27.60 16.13 -19.94
CA PHE B 382 26.37 16.91 -19.83
C PHE B 382 25.65 16.64 -18.52
N LEU B 383 25.56 15.37 -18.13
CA LEU B 383 24.90 14.98 -16.89
C LEU B 383 25.90 14.98 -15.72
N ASN B 384 25.80 16.00 -14.87
CA ASN B 384 26.66 16.14 -13.71
C ASN B 384 25.86 16.48 -12.46
N VAL B 385 25.89 15.58 -11.48
CA VAL B 385 25.18 15.80 -10.21
C VAL B 385 26.15 16.25 -9.14
N PHE B 386 25.84 17.39 -8.52
CA PHE B 386 26.66 17.93 -7.44
C PHE B 386 25.90 17.85 -6.12
N LYS B 387 26.58 17.41 -5.07
CA LYS B 387 26.04 17.41 -3.72
C LYS B 387 27.13 17.46 -2.66
N LEU B 388 26.84 18.17 -1.56
CA LEU B 388 27.68 18.14 -0.37
C LEU B 388 27.16 17.05 0.57
N PHE B 389 28.01 16.10 0.92
CA PHE B 389 27.66 15.02 1.83
C PHE B 389 27.67 15.48 3.29
N GLY B 390 27.15 14.63 4.16
CA GLY B 390 27.17 14.86 5.62
C GLY B 390 27.96 13.80 6.35
N PRO B 391 27.65 13.57 7.65
CA PRO B 391 28.37 12.62 8.49
C PRO B 391 28.34 11.17 7.99
N ARG B 392 29.45 10.47 8.22
CA ARG B 392 29.65 9.07 7.82
C ARG B 392 29.03 8.10 8.84
N ASN B 393 29.11 6.80 8.56
CA ASN B 393 28.59 5.78 9.47
C ASN B 393 29.65 4.78 9.94
N GLN B 394 29.25 3.89 10.86
CA GLN B 394 30.14 2.88 11.42
C GLN B 394 30.71 1.91 10.39
N ALA B 395 29.99 1.70 9.30
CA ALA B 395 30.36 0.74 8.24
C ALA B 395 31.71 1.06 7.60
N PRO B 396 32.71 0.18 7.82
CA PRO B 396 34.09 0.39 7.37
C PRO B 396 34.23 0.67 5.87
N LEU B 397 33.35 0.08 5.05
CA LEU B 397 33.45 0.19 3.59
C LEU B 397 32.37 1.05 2.93
N SER B 398 31.58 1.77 3.72
CA SER B 398 30.57 2.66 3.16
C SER B 398 31.23 3.84 2.48
N PHE B 399 30.74 4.18 1.29
CA PHE B 399 31.34 5.20 0.44
C PHE B 399 31.27 6.65 0.98
N PRO B 400 30.07 7.11 1.38
CA PRO B 400 29.92 8.52 1.74
C PRO B 400 30.77 8.99 2.94
N ILE B 401 31.40 10.15 2.77
CA ILE B 401 32.14 10.84 3.82
C ILE B 401 31.85 12.34 3.71
N PRO B 402 31.89 13.08 4.84
CA PRO B 402 31.62 14.52 4.78
C PRO B 402 32.48 15.24 3.73
N GLY B 403 31.81 15.75 2.70
CA GLY B 403 32.51 16.44 1.61
C GLY B 403 31.81 16.48 0.26
N TRP B 404 32.57 16.85 -0.77
CA TRP B 404 32.05 17.15 -2.10
C TRP B 404 31.93 15.93 -2.95
N ASN B 405 30.70 15.42 -3.05
CA ASN B 405 30.42 14.29 -3.92
C ASN B 405 29.94 14.76 -5.29
N ILE B 406 30.42 14.10 -6.33
CA ILE B 406 29.99 14.41 -7.69
C ILE B 406 30.16 13.23 -8.64
N CYS B 407 29.08 12.90 -9.35
CA CYS B 407 29.11 11.88 -10.40
C CYS B 407 28.99 12.50 -11.75
N VAL B 408 29.76 11.93 -12.68
CA VAL B 408 29.87 12.43 -14.04
C VAL B 408 29.90 11.21 -14.95
N ASP B 409 29.28 11.30 -16.11
CA ASP B 409 29.48 10.26 -17.13
C ASP B 409 29.95 10.83 -18.46
N PHE B 410 31.05 10.29 -18.96
CA PHE B 410 31.64 10.75 -20.21
C PHE B 410 31.28 9.77 -21.33
N PRO B 411 31.06 10.29 -22.55
CA PRO B 411 30.87 9.41 -23.71
C PRO B 411 32.12 8.59 -23.99
N ILE B 412 31.95 7.42 -24.58
CA ILE B 412 33.07 6.52 -24.87
C ILE B 412 33.96 7.14 -25.95
N LYS B 413 35.22 7.38 -25.60
CA LYS B 413 36.17 8.09 -26.47
C LYS B 413 37.59 7.56 -26.32
N ASP B 414 38.46 7.98 -27.23
CA ASP B 414 39.90 7.65 -27.16
C ASP B 414 40.58 8.45 -26.06
N GLY B 415 41.45 7.77 -25.30
CA GLY B 415 42.17 8.39 -24.21
C GLY B 415 41.33 8.65 -22.98
N LEU B 416 40.14 8.05 -22.93
CA LEU B 416 39.25 8.18 -21.79
C LEU B 416 39.82 7.42 -20.59
N GLY B 417 40.12 6.14 -20.80
CA GLY B 417 40.70 5.27 -19.78
C GLY B 417 42.00 5.82 -19.21
N LYS B 418 42.81 6.42 -20.08
CA LYS B 418 44.04 7.09 -19.66
C LYS B 418 43.73 8.28 -18.76
N PHE B 419 42.70 9.03 -19.11
CA PHE B 419 42.31 10.21 -18.35
C PHE B 419 41.73 9.86 -16.97
N VAL B 420 40.77 8.92 -16.96
CA VAL B 420 40.11 8.53 -15.71
C VAL B 420 41.04 7.83 -14.73
N SER B 421 42.13 7.25 -15.24
CA SER B 421 43.15 6.67 -14.37
C SER B 421 43.99 7.77 -13.72
N GLU B 422 44.23 8.87 -14.46
CA GLU B 422 44.92 10.03 -13.92
C GLU B 422 44.01 10.77 -12.93
N LEU B 423 42.71 10.74 -13.20
CA LEU B 423 41.71 11.28 -12.28
C LEU B 423 41.70 10.52 -10.96
N ASP B 424 41.77 9.19 -11.04
CA ASP B 424 41.83 8.33 -9.86
C ASP B 424 42.92 8.79 -8.90
N ARG B 425 44.12 8.98 -9.45
CA ARG B 425 45.29 9.38 -8.67
C ARG B 425 45.11 10.75 -8.02
N ARG B 426 44.42 11.65 -8.71
CA ARG B 426 44.08 12.97 -8.18
C ARG B 426 43.09 12.82 -7.03
N VAL B 427 42.02 12.08 -7.28
CA VAL B 427 41.03 11.73 -6.24
C VAL B 427 41.75 11.05 -5.08
N LEU B 428 42.68 10.15 -5.40
CA LEU B 428 43.43 9.39 -4.41
C LEU B 428 44.25 10.29 -3.49
N GLU B 429 45.02 11.21 -4.07
CA GLU B 429 45.96 12.01 -3.28
C GLU B 429 45.32 13.05 -2.38
N PHE B 430 44.11 13.48 -2.73
CA PHE B 430 43.42 14.50 -1.94
C PHE B 430 42.49 13.91 -0.88
N GLY B 431 42.73 12.64 -0.53
CA GLY B 431 41.99 11.95 0.52
C GLY B 431 40.59 11.52 0.15
N GLY B 432 40.27 11.61 -1.14
CA GLY B 432 38.95 11.23 -1.64
C GLY B 432 38.89 9.79 -2.10
N ARG B 433 37.67 9.27 -2.27
CA ARG B 433 37.48 7.90 -2.74
C ARG B 433 36.41 7.78 -3.83
N LEU B 434 36.27 6.56 -4.37
CA LEU B 434 35.30 6.28 -5.42
C LEU B 434 34.26 5.26 -4.94
N TYR B 435 33.09 5.29 -5.56
CA TYR B 435 31.97 4.40 -5.22
C TYR B 435 32.18 3.02 -5.82
N THR B 436 31.96 1.99 -5.00
CA THR B 436 32.18 0.58 -5.41
C THR B 436 31.15 0.09 -6.43
N ALA B 437 29.96 0.71 -6.41
CA ALA B 437 28.88 0.32 -7.30
C ALA B 437 29.12 0.74 -8.75
N LYS B 438 30.12 1.59 -8.97
CA LYS B 438 30.43 2.09 -10.30
C LYS B 438 31.88 1.79 -10.67
N ASP B 439 32.36 0.60 -10.31
CA ASP B 439 33.77 0.30 -10.41
C ASP B 439 34.15 -1.03 -11.08
N SER B 440 34.93 -0.91 -12.15
CA SER B 440 35.64 -2.02 -12.77
C SER B 440 37.10 -1.59 -12.97
N ARG B 441 37.32 -0.28 -12.84
CA ARG B 441 38.61 0.39 -13.01
C ARG B 441 39.62 0.05 -11.92
N THR B 442 39.28 0.44 -10.70
CA THR B 442 40.17 0.45 -9.53
C THR B 442 40.99 -0.83 -9.32
N THR B 443 42.24 -0.65 -8.90
CA THR B 443 43.09 -1.74 -8.43
C THR B 443 43.06 -1.79 -6.90
N ALA B 444 43.38 -2.96 -6.34
CA ALA B 444 43.34 -3.19 -4.89
C ALA B 444 44.04 -2.09 -4.08
N GLU B 445 45.24 -1.72 -4.52
CA GLU B 445 46.03 -0.67 -3.88
C GLU B 445 45.26 0.65 -3.72
N THR B 446 44.63 1.08 -4.81
CA THR B 446 43.86 2.33 -4.81
C THR B 446 42.70 2.24 -3.83
N PHE B 447 42.01 1.11 -3.82
CA PHE B 447 40.86 0.88 -2.94
C PHE B 447 41.29 0.81 -1.47
N HIS B 448 42.41 0.12 -1.21
CA HIS B 448 42.92 -0.07 0.14
C HIS B 448 43.40 1.21 0.76
N ALA B 449 43.91 2.11 -0.09
CA ALA B 449 44.36 3.42 0.35
C ALA B 449 43.19 4.38 0.55
N MET B 450 42.17 4.26 -0.30
CA MET B 450 40.97 5.08 -0.22
C MET B 450 40.10 4.73 0.99
N TYR B 451 40.07 3.43 1.32
CA TYR B 451 39.32 2.94 2.48
C TYR B 451 40.30 2.38 3.51
N PRO B 452 40.78 3.23 4.44
CA PRO B 452 41.79 2.82 5.42
C PRO B 452 41.30 1.73 6.37
N ARG B 453 40.00 1.66 6.60
CA ARG B 453 39.39 0.66 7.47
C ARG B 453 39.14 -0.68 6.75
N VAL B 454 39.81 -0.90 5.62
CA VAL B 454 39.64 -2.13 4.83
C VAL B 454 40.24 -3.36 5.53
N ASP B 455 41.36 -3.16 6.23
CA ASP B 455 41.99 -4.21 7.02
C ASP B 455 41.08 -4.64 8.19
N GLU B 456 40.41 -3.65 8.77
CA GLU B 456 39.44 -3.86 9.84
C GLU B 456 38.25 -4.70 9.35
N TRP B 457 37.80 -4.40 8.13
CA TRP B 457 36.70 -5.11 7.49
C TRP B 457 37.07 -6.53 7.13
N ILE B 458 38.29 -6.72 6.64
CA ILE B 458 38.79 -8.02 6.18
C ILE B 458 38.90 -9.06 7.30
N SER B 459 39.26 -8.62 8.51
CA SER B 459 39.39 -9.51 9.66
C SER B 459 38.04 -10.07 10.09
N VAL B 460 37.00 -9.26 9.96
CA VAL B 460 35.61 -9.69 10.23
C VAL B 460 35.12 -10.60 9.11
N ARG B 461 35.52 -10.27 7.88
CA ARG B 461 35.14 -11.03 6.69
C ARG B 461 35.59 -12.49 6.76
N ARG B 462 36.75 -12.73 7.37
CA ARG B 462 37.33 -14.06 7.44
C ARG B 462 36.77 -14.91 8.59
N LYS B 463 36.33 -14.25 9.66
CA LYS B 463 35.67 -14.92 10.78
C LYS B 463 34.34 -15.54 10.34
N VAL B 464 33.55 -14.75 9.60
CA VAL B 464 32.25 -15.19 9.11
C VAL B 464 32.37 -16.09 7.88
N ASP B 465 33.47 -15.94 7.14
CA ASP B 465 33.70 -16.69 5.91
C ASP B 465 35.19 -16.93 5.68
N PRO B 466 35.69 -18.12 6.10
CA PRO B 466 37.09 -18.47 5.85
C PRO B 466 37.32 -19.25 4.56
N LEU B 467 36.32 -20.02 4.14
CA LEU B 467 36.46 -20.92 2.98
C LEU B 467 36.29 -20.25 1.62
N ARG B 468 36.09 -18.93 1.61
CA ARG B 468 35.84 -18.16 0.39
C ARG B 468 34.61 -18.67 -0.36
N VAL B 469 33.54 -18.93 0.40
CA VAL B 469 32.28 -19.43 -0.15
C VAL B 469 31.57 -18.32 -0.92
N PHE B 470 31.62 -17.10 -0.38
CA PHE B 470 31.06 -15.94 -1.06
C PHE B 470 32.16 -15.13 -1.72
N ALA B 471 32.04 -14.94 -3.04
CA ALA B 471 33.03 -14.20 -3.82
C ALA B 471 32.42 -13.63 -5.09
N SER B 472 33.04 -12.57 -5.59
CA SER B 472 32.61 -11.90 -6.82
C SER B 472 33.82 -11.47 -7.64
N ASP B 473 33.58 -10.99 -8.86
CA ASP B 473 34.64 -10.49 -9.73
C ASP B 473 35.43 -9.35 -9.08
N MET B 474 34.72 -8.44 -8.43
CA MET B 474 35.33 -7.36 -7.65
C MET B 474 36.13 -7.92 -6.49
N ALA B 475 35.51 -8.81 -5.72
CA ALA B 475 36.11 -9.39 -4.52
C ALA B 475 37.50 -9.94 -4.75
N ARG B 476 37.73 -10.48 -5.95
CA ARG B 476 39.04 -10.97 -6.37
C ARG B 476 39.92 -9.84 -6.88
N ARG B 477 39.33 -8.94 -7.66
CA ARG B 477 40.06 -7.82 -8.28
C ARG B 477 40.60 -6.84 -7.24
N LEU B 478 39.75 -6.48 -6.28
CA LEU B 478 40.15 -5.55 -5.21
C LEU B 478 40.74 -6.29 -4.01
N GLU B 479 40.86 -7.61 -4.14
CA GLU B 479 41.42 -8.49 -3.10
C GLU B 479 40.76 -8.29 -1.73
N LEU B 480 39.44 -8.44 -1.71
CA LEU B 480 38.65 -8.37 -0.48
C LEU B 480 38.41 -9.76 0.11
N LEU B 481 38.91 -10.78 -0.59
CA LEU B 481 38.86 -12.17 -0.12
C LEU B 481 39.83 -12.40 1.04
PA FAD C . -23.08 5.49 6.87
O1A FAD C . -23.99 5.27 5.69
O2A FAD C . -22.50 6.85 7.14
O5B FAD C . -23.84 5.01 8.20
C5B FAD C . -24.56 3.79 8.21
C4B FAD C . -24.42 3.13 9.58
O4B FAD C . -23.04 2.96 9.88
C3B FAD C . -25.00 4.02 10.68
O3B FAD C . -25.99 3.29 11.41
C2B FAD C . -23.83 4.38 11.57
O2B FAD C . -24.20 4.32 12.96
C1B FAD C . -22.81 3.32 11.24
N9A FAD C . -21.39 3.70 11.49
C8A FAD C . -20.55 4.29 10.62
N7A FAD C . -19.33 4.47 11.19
C5A FAD C . -19.39 4.01 12.45
C6A FAD C . -18.47 3.89 13.61
N6A FAD C . -17.19 4.33 13.54
N1A FAD C . -18.95 3.34 14.75
C2A FAD C . -20.22 2.89 14.85
N3A FAD C . -21.11 2.95 13.84
C4A FAD C . -20.76 3.49 12.64
N1 FAD C . -24.60 -2.74 1.15
C2 FAD C . -24.48 -4.10 1.06
O2 FAD C . -24.55 -4.78 2.10
N3 FAD C . -24.31 -4.74 -0.11
C4 FAD C . -24.23 -4.09 -1.28
O4 FAD C . -24.06 -4.70 -2.35
C4X FAD C . -24.34 -2.60 -1.27
N5 FAD C . -24.26 -1.87 -2.40
C5X FAD C . -24.36 -0.52 -2.38
C6 FAD C . -24.28 0.20 -3.56
C7 FAD C . -24.39 1.59 -3.55
C7M FAD C . -24.29 2.35 -4.86
C8 FAD C . -24.58 2.31 -2.26
C8M FAD C . -24.70 3.81 -2.23
C9 FAD C . -24.67 1.59 -1.08
C9A FAD C . -24.56 0.20 -1.08
N10 FAD C . -24.64 -0.55 0.13
C10 FAD C . -24.53 -1.96 0.06
C1' FAD C . -24.84 0.13 1.42
C2' FAD C . -23.56 0.32 2.23
O2' FAD C . -22.62 -0.70 1.92
C3' FAD C . -23.84 0.28 3.73
O3' FAD C . -25.06 0.94 4.06
C4' FAD C . -22.68 0.86 4.57
O4' FAD C . -22.85 0.44 5.93
C5' FAD C . -22.60 2.38 4.54
O5' FAD C . -21.29 2.77 4.96
P FAD C . -20.97 4.27 5.45
O1P FAD C . -19.52 4.30 5.89
O2P FAD C . -21.45 5.23 4.40
O3P FAD C . -21.88 4.42 6.78
N3 O95 D . -29.30 -4.63 -3.96
O4 O95 D . -29.42 -3.25 -3.80
C16 O95 D . -28.05 -5.21 -4.25
C1 O95 D . -27.74 -6.61 -3.84
C20 O95 D . -28.76 -7.42 -3.09
C2 O95 D . -26.40 -7.18 -4.17
C3 O95 D . -26.00 -8.57 -3.79
F2 O95 D . -27.03 -9.37 -3.86
F1 O95 D . -25.07 -8.99 -4.63
F O95 D . -25.50 -8.55 -2.57
C4 O95 D . -25.45 -6.44 -4.84
C5 O95 D . -25.69 -5.14 -5.25
C15 O95 D . -26.99 -4.49 -4.97
N20 O95 D . -24.87 -4.30 -5.93
C6 O95 D . -25.43 -3.08 -6.14
S1 O95 D . -27.06 -2.92 -5.56
C7 O95 D . -24.87 -1.94 -6.86
O1 O95 D . -24.93 -0.55 -6.52
C14 O95 D . -24.48 0.17 -7.68
C8 O95 D . -24.30 -0.94 -8.74
N1 O95 D . -24.30 -2.15 -7.94
C9 O95 D . -23.04 -0.79 -9.52
O20 O95 D . -21.94 -1.01 -9.02
N2 O95 D . -23.25 -0.43 -10.79
C13 O95 D . -22.63 -1.08 -11.94
C12 O95 D . -23.73 -0.95 -12.99
C11 O95 D . -24.76 0.04 -12.47
C10 O95 D . -24.19 0.62 -11.17
PA FAD E . 23.01 -5.33 -7.70
O1A FAD E . 23.48 -4.33 -8.73
O2A FAD E . 22.40 -6.65 -8.15
O5B FAD E . 24.25 -5.69 -6.75
C5B FAD E . 25.08 -4.68 -6.17
C4B FAD E . 25.73 -5.27 -4.93
O4B FAD E . 24.69 -5.62 -4.01
C3B FAD E . 26.50 -6.54 -5.26
O3B FAD E . 27.82 -6.48 -4.71
C2B FAD E . 25.71 -7.68 -4.63
O2B FAD E . 26.56 -8.65 -4.03
C1B FAD E . 24.85 -6.97 -3.58
N9A FAD E . 23.53 -7.61 -3.37
C8A FAD E . 22.47 -7.58 -4.20
N7A FAD E . 21.43 -8.26 -3.67
C5A FAD E . 21.81 -8.74 -2.47
C6A FAD E . 21.20 -9.55 -1.39
N6A FAD E . 19.92 -9.99 -1.48
N1A FAD E . 21.96 -9.83 -0.30
C2A FAD E . 23.22 -9.40 -0.19
N3A FAD E . 23.84 -8.66 -1.13
C4A FAD E . 23.21 -8.31 -2.27
N1 FAD E . 23.62 4.56 -5.77
C2 FAD E . 23.66 5.53 -4.83
O2 FAD E . 24.14 5.27 -3.71
N3 FAD E . 23.19 6.78 -5.05
C4 FAD E . 22.67 7.15 -6.22
O4 FAD E . 22.24 8.32 -6.40
C4X FAD E . 22.59 6.15 -7.31
N5 FAD E . 22.07 6.45 -8.52
C5X FAD E . 22.00 5.52 -9.49
C6 FAD E . 21.45 5.87 -10.73
C7 FAD E . 21.37 4.94 -11.75
C7M FAD E . 20.77 5.34 -13.08
C8 FAD E . 21.88 3.55 -11.53
C8M FAD E . 21.80 2.51 -12.63
C9 FAD E . 22.42 3.19 -10.30
C9A FAD E . 22.50 4.13 -9.27
N10 FAD E . 23.06 3.79 -8.01
C10 FAD E . 23.11 4.79 -7.01
C1' FAD E . 23.58 2.45 -7.73
C2' FAD E . 22.56 1.52 -7.06
O2' FAD E . 21.67 2.28 -6.24
C3' FAD E . 23.27 0.47 -6.19
O3' FAD E . 24.42 -0.06 -6.87
C4' FAD E . 22.37 -0.68 -5.76
O4' FAD E . 23.09 -1.48 -4.82
C5' FAD E . 21.93 -1.57 -6.92
O5' FAD E . 20.85 -2.41 -6.52
P FAD E . 20.66 -3.87 -7.18
O1P FAD E . 19.48 -4.55 -6.55
O2P FAD E . 20.70 -3.74 -8.69
O3P FAD E . 22.00 -4.63 -6.68
N3 O95 F . 25.50 10.58 -9.21
O4 O95 F . 25.39 9.62 -10.22
C16 O95 F . 24.36 10.99 -8.50
C1 O95 F . 24.39 11.53 -7.12
C20 O95 F . 25.68 11.70 -6.38
C2 O95 F . 23.10 11.93 -6.45
C3 O95 F . 23.06 12.49 -5.04
F2 O95 F . 23.51 11.60 -4.19
F1 O95 F . 23.78 13.59 -4.98
F O95 F . 21.82 12.78 -4.72
C4 O95 F . 21.88 11.79 -7.12
C5 O95 F . 21.78 11.29 -8.41
C15 O95 F . 23.02 10.87 -9.14
N20 O95 F . 20.70 11.09 -9.22
C6 O95 F . 20.99 10.56 -10.44
S1 O95 F . 22.69 10.30 -10.68
C7 O95 F . 20.11 10.20 -11.58
O1 O95 F . 19.37 8.97 -11.68
C14 O95 F . 18.43 9.10 -12.73
C8 O95 F . 18.76 10.47 -13.36
N1 O95 F . 19.88 10.94 -12.55
C9 O95 F . 17.62 11.44 -13.31
O20 O95 F . 16.93 11.57 -12.31
N2 O95 F . 17.44 12.16 -14.42
C13 O95 F . 16.19 12.16 -15.18
C12 O95 F . 16.58 12.78 -16.52
C11 O95 F . 18.01 13.30 -16.40
C10 O95 F . 18.50 12.99 -14.99
#